data_5OAW
#
_entry.id   5OAW
#
_cell.length_a   71.314
_cell.length_b   84.815
_cell.length_c   186.399
_cell.angle_alpha   90.00
_cell.angle_beta   90.00
_cell.angle_gamma   90.00
#
_symmetry.space_group_name_H-M   'P 21 21 21'
#
loop_
_entity.id
_entity.type
_entity.pdbx_description
1 polymer 'Phosphoacetylglucosamine mutase'
2 non-polymer 'MAGNESIUM ION'
3 non-polymer 2-acetamido-2-deoxy-6-O-phosphono-alpha-D-glucopyranose
4 non-polymer GLYCEROL
5 water water
#
_entity_poly.entity_id   1
_entity_poly.type   'polypeptide(L)'
_entity_poly.pdbx_seq_one_letter_code
;MASPAVRKAISDAALQYAKPEGKIFQYGTAGFRMKADLLNTVVYAVGLLATLRSKKLSGQWIGVMVTA(SEP)HNPAEDN
GVKLVDPMGEMLEAEWEAYATKLANAPLENIGDVYDELVKEIDVSMENPARVVFARDTRASGSRLIGVLSAALTATEAEF
IDMKFMTTPQLHYVVRCKNTLGTQYEYGEPTEQGYYEKLAAAFKRVMRGVKVKGSLTVDCANGVGGPKLRELIKYLPEDT
GLDIKIVNDDVINPDSLNFECGADYVKTKQRAPPSSKASILDRCASLDGDADRILYYFLDEGNVFRLLDGDRIATLAASF
IGDLARSAGIAQKLKIGVVQTAYANGSSTEYIEKVLKLPSVCTNTGVKHLHHAAMRFDVGVYFEANGHGTITFSENALKT
IKNTEPQSPAQQRSLECLQALTDLINQAVGDAISDMLLVEAILAHKGWTPKEWLATYTDLPSRLVRVEVAERSIFKAYDA
ERKLESPPGLQAKIDSLQSRYNKGRSFARASGTEDAVRVYAEAASRSEADDLATRVANAVRDAGTVKEILQAS
;
_entity_poly.pdbx_strand_id   A,B
#
# COMPACT_ATOMS: atom_id res chain seq x y z
N ALA A 2 41.18 -1.08 -17.57
CA ALA A 2 40.12 -0.33 -16.83
C ALA A 2 40.70 0.65 -15.81
N SER A 3 40.78 0.23 -14.54
CA SER A 3 41.38 1.00 -13.45
C SER A 3 41.86 0.04 -12.35
N PRO A 4 42.98 0.36 -11.65
CA PRO A 4 43.41 -0.49 -10.51
C PRO A 4 42.73 -0.21 -9.16
N ALA A 5 42.56 1.07 -8.81
CA ALA A 5 41.92 1.50 -7.55
C ALA A 5 40.42 1.24 -7.55
N VAL A 6 39.82 1.31 -8.74
CA VAL A 6 38.43 0.91 -8.97
C VAL A 6 38.31 -0.62 -8.79
N ARG A 7 39.17 -1.39 -9.49
CA ARG A 7 39.20 -2.87 -9.42
C ARG A 7 39.41 -3.49 -8.02
N LYS A 8 40.04 -2.72 -7.11
CA LYS A 8 40.13 -3.09 -5.70
C LYS A 8 38.85 -2.80 -4.92
N ALA A 9 38.11 -1.77 -5.32
CA ALA A 9 36.81 -1.44 -4.68
C ALA A 9 35.67 -2.42 -5.06
N ILE A 10 35.68 -2.90 -6.31
CA ILE A 10 34.78 -3.95 -6.79
C ILE A 10 35.02 -5.26 -6.02
N SER A 11 36.30 -5.68 -5.95
CA SER A 11 36.69 -6.91 -5.25
C SER A 11 36.35 -6.85 -3.75
N ASP A 12 36.68 -5.73 -3.11
CA ASP A 12 36.42 -5.52 -1.68
C ASP A 12 34.92 -5.55 -1.32
N ALA A 13 34.12 -4.69 -1.95
CA ALA A 13 32.67 -4.57 -1.66
C ALA A 13 31.86 -5.84 -1.95
N ALA A 14 32.35 -6.65 -2.90
CA ALA A 14 31.71 -7.91 -3.27
C ALA A 14 31.63 -8.90 -2.10
N GLN A 16 30.06 -7.16 2.13
CA GLN A 16 30.38 -8.44 1.49
C GLN A 16 29.26 -9.49 1.48
N TYR A 17 29.20 -10.28 0.41
CA TYR A 17 28.02 -11.10 0.07
C TYR A 17 28.31 -12.59 -0.04
N ALA A 18 27.27 -13.36 -0.38
CA ALA A 18 27.25 -14.84 -0.27
C ALA A 18 28.07 -15.61 -1.33
N LYS A 19 27.43 -16.55 -2.04
CA LYS A 19 28.07 -17.36 -3.09
C LYS A 19 27.12 -18.02 -4.13
N PRO A 20 25.98 -18.63 -3.73
CA PRO A 20 25.58 -18.93 -2.35
C PRO A 20 25.82 -20.39 -1.95
N GLY A 22 26.17 -23.87 -3.45
CA GLY A 22 26.72 -23.64 -4.79
C GLY A 22 25.80 -23.98 -5.97
N LYS A 23 24.86 -23.08 -6.27
CA LYS A 23 23.97 -23.17 -7.45
C LYS A 23 24.51 -22.38 -8.65
N ILE A 24 24.10 -22.77 -9.86
CA ILE A 24 24.57 -22.09 -11.09
C ILE A 24 23.45 -21.36 -11.86
N PHE A 25 23.75 -20.14 -12.28
CA PHE A 25 22.73 -19.18 -12.80
C PHE A 25 22.72 -19.06 -14.32
N GLN A 26 21.58 -18.62 -14.84
CA GLN A 26 21.44 -18.16 -16.24
C GLN A 26 20.40 -17.02 -16.35
N TYR A 27 20.88 -15.84 -16.77
CA TYR A 27 20.02 -14.73 -17.18
C TYR A 27 19.34 -15.15 -18.47
N GLY A 28 18.02 -14.97 -18.53
CA GLY A 28 17.25 -15.32 -19.72
C GLY A 28 16.08 -14.40 -19.95
N THR A 29 15.03 -14.96 -20.55
CA THR A 29 13.76 -14.30 -20.80
C THR A 29 13.30 -13.34 -19.66
N ALA A 30 13.38 -13.82 -18.42
CA ALA A 30 12.94 -13.10 -17.23
C ALA A 30 14.09 -12.47 -16.43
N GLY A 31 15.25 -12.30 -17.07
CA GLY A 31 16.49 -11.94 -16.37
C GLY A 31 16.87 -13.00 -15.36
N PHE A 32 17.48 -12.58 -14.25
CA PHE A 32 17.69 -13.47 -13.10
C PHE A 32 16.44 -13.49 -12.21
N ARG A 33 15.86 -14.68 -12.02
CA ARG A 33 14.61 -14.83 -11.24
C ARG A 33 14.57 -16.14 -10.45
N MET A 34 14.56 -16.00 -9.13
CA MET A 34 14.68 -17.12 -8.19
C MET A 34 14.15 -16.71 -6.81
N LYS A 35 14.22 -17.63 -5.83
CA LYS A 35 14.00 -17.29 -4.42
C LYS A 35 14.93 -16.13 -4.05
N ALA A 36 14.43 -15.18 -3.26
CA ALA A 36 15.17 -13.95 -2.93
C ALA A 36 16.46 -14.11 -2.10
N ASP A 37 16.59 -15.25 -1.40
CA ASP A 37 17.78 -15.58 -0.61
C ASP A 37 19.02 -15.98 -1.45
N LEU A 38 18.81 -16.30 -2.73
CA LEU A 38 19.88 -16.78 -3.61
C LEU A 38 20.55 -15.67 -4.45
N LEU A 39 20.24 -14.42 -4.14
CA LEU A 39 20.24 -13.37 -5.15
C LEU A 39 21.28 -12.24 -5.00
N ASN A 40 21.97 -12.18 -3.88
CA ASN A 40 22.91 -11.07 -3.59
C ASN A 40 24.06 -10.91 -4.59
N THR A 41 24.87 -11.97 -4.72
CA THR A 41 26.00 -12.02 -5.67
C THR A 41 25.55 -11.71 -7.10
N VAL A 42 24.31 -12.06 -7.40
CA VAL A 42 23.70 -11.92 -8.71
C VAL A 42 23.30 -10.47 -9.01
N VAL A 43 22.75 -9.79 -8.00
CA VAL A 43 22.30 -8.40 -8.13
C VAL A 43 23.54 -7.52 -8.18
N TYR A 44 24.56 -7.93 -7.42
CA TYR A 44 25.85 -7.27 -7.43
C TYR A 44 26.44 -7.28 -8.84
N ALA A 45 26.47 -8.47 -9.43
CA ALA A 45 26.94 -8.71 -10.78
C ALA A 45 26.21 -7.86 -11.82
N VAL A 46 24.90 -7.67 -11.62
CA VAL A 46 24.04 -6.87 -12.52
C VAL A 46 24.37 -5.38 -12.38
N GLY A 47 24.73 -4.98 -11.16
CA GLY A 47 25.31 -3.66 -10.89
C GLY A 47 26.55 -3.40 -11.74
N LEU A 48 27.47 -4.37 -11.72
CA LEU A 48 28.64 -4.32 -12.57
C LEU A 48 28.26 -4.36 -14.05
N LEU A 49 27.32 -5.23 -14.42
CA LEU A 49 26.92 -5.36 -15.82
C LEU A 49 26.19 -4.13 -16.38
N ALA A 50 25.43 -3.43 -15.52
CA ALA A 50 24.76 -2.17 -15.88
C ALA A 50 25.81 -1.08 -16.17
N THR A 51 26.87 -1.08 -15.37
CA THR A 51 27.98 -0.17 -15.53
C THR A 51 28.64 -0.35 -16.90
N LEU A 52 29.08 -1.57 -17.21
CA LEU A 52 29.65 -1.92 -18.51
C LEU A 52 28.77 -1.54 -19.69
N ARG A 53 27.47 -1.84 -19.58
CA ARG A 53 26.49 -1.56 -20.62
C ARG A 53 26.32 -0.07 -20.88
N SER A 54 26.20 0.72 -19.81
CA SER A 54 26.13 2.18 -19.94
C SER A 54 27.32 2.75 -20.72
N LYS A 55 28.51 2.33 -20.31
CA LYS A 55 29.76 2.83 -20.90
C LYS A 55 29.93 2.41 -22.36
N LYS A 56 29.56 1.16 -22.67
CA LYS A 56 29.57 0.65 -24.04
C LYS A 56 28.69 1.50 -24.96
N LEU A 57 27.57 1.97 -24.41
CA LEU A 57 26.62 2.79 -25.16
C LEU A 57 26.78 4.27 -24.83
N SER A 58 28.05 4.69 -24.71
CA SER A 58 28.47 6.09 -24.63
C SER A 58 27.83 6.82 -23.42
N GLY A 59 27.86 6.17 -22.25
CA GLY A 59 27.30 6.73 -21.01
C GLY A 59 25.80 7.02 -21.03
N GLN A 60 25.06 6.32 -21.90
CA GLN A 60 23.59 6.39 -21.90
C GLN A 60 23.01 5.76 -20.61
N TRP A 61 21.85 6.25 -20.18
CA TRP A 61 21.18 5.69 -19.01
C TRP A 61 20.72 4.24 -19.25
N ILE A 62 21.09 3.38 -18.32
CA ILE A 62 20.67 1.97 -18.31
C ILE A 62 19.81 1.74 -17.07
N GLY A 63 18.68 1.07 -17.26
CA GLY A 63 17.75 0.80 -16.16
C GLY A 63 17.99 -0.54 -15.49
N VAL A 64 17.70 -0.60 -14.19
CA VAL A 64 17.59 -1.87 -13.50
C VAL A 64 16.24 -1.91 -12.81
N MET A 65 15.46 -2.96 -13.08
CA MET A 65 14.17 -3.18 -12.41
C MET A 65 14.25 -4.39 -11.48
N VAL A 66 13.89 -4.18 -10.22
CA VAL A 66 13.97 -5.25 -9.23
C VAL A 66 12.57 -5.82 -8.98
N THR A 67 12.29 -6.99 -9.57
CA THR A 67 10.94 -7.60 -9.53
C THR A 67 10.88 -9.05 -9.98
N ALA A 68 10.01 -9.85 -9.36
CA ALA A 68 9.77 -11.21 -9.86
C ALA A 68 8.42 -11.34 -10.54
N HIS A 70 4.89 -11.93 -11.48
CA HIS A 70 3.75 -12.73 -11.01
C HIS A 70 4.11 -13.75 -9.92
N ASN A 71 5.41 -14.02 -9.75
CA ASN A 71 5.91 -14.98 -8.77
C ASN A 71 5.47 -14.67 -7.34
N PRO A 72 5.40 -15.72 -6.48
CA PRO A 72 5.12 -15.50 -5.05
C PRO A 72 6.13 -14.55 -4.37
N ALA A 73 5.73 -14.05 -3.20
CA ALA A 73 6.48 -13.08 -2.38
C ALA A 73 7.95 -13.43 -2.08
N GLU A 74 8.20 -14.71 -1.80
CA GLU A 74 9.52 -15.25 -1.48
C GLU A 74 10.53 -15.09 -2.64
N ASP A 75 9.99 -14.97 -3.86
CA ASP A 75 10.79 -14.79 -5.08
C ASP A 75 11.15 -13.32 -5.34
N ASN A 76 12.28 -13.12 -6.01
CA ASN A 76 12.61 -11.85 -6.65
C ASN A 76 13.45 -12.02 -7.91
N GLY A 77 13.52 -10.95 -8.70
CA GLY A 77 14.29 -10.90 -9.93
C GLY A 77 14.88 -9.53 -10.26
N VAL A 78 15.82 -9.55 -11.19
CA VAL A 78 16.51 -8.36 -11.62
C VAL A 78 16.63 -8.37 -13.16
N LYS A 79 16.29 -7.24 -13.78
CA LYS A 79 16.26 -7.11 -15.23
C LYS A 79 16.98 -5.82 -15.68
N LEU A 80 17.73 -5.89 -16.78
CA LEU A 80 18.34 -4.68 -17.37
C LEU A 80 17.48 -4.01 -18.43
N VAL A 81 17.43 -2.68 -18.40
CA VAL A 81 16.69 -1.93 -19.40
C VAL A 81 17.69 -1.11 -20.22
N ASP A 82 17.67 -1.32 -21.53
CA ASP A 82 18.51 -0.60 -22.48
C ASP A 82 17.95 0.79 -22.79
N PRO A 83 18.78 1.70 -23.39
CA PRO A 83 18.46 3.14 -23.49
C PRO A 83 17.05 3.53 -23.97
N MET A 84 16.54 2.82 -24.99
CA MET A 84 15.23 3.10 -25.57
C MET A 84 14.06 2.51 -24.78
N GLY A 85 14.40 1.92 -23.64
CA GLY A 85 13.43 1.25 -22.81
C GLY A 85 13.16 -0.20 -23.21
N GLU A 86 13.98 -0.77 -24.11
CA GLU A 86 13.81 -2.17 -24.52
C GLU A 86 14.49 -3.03 -23.48
N MET A 87 14.07 -4.29 -23.41
CA MET A 87 14.77 -5.25 -22.58
C MET A 87 16.17 -5.43 -23.13
N LEU A 88 17.12 -5.83 -22.27
CA LEU A 88 18.51 -5.96 -22.66
C LEU A 88 18.65 -6.72 -23.97
N GLU A 89 19.45 -6.17 -24.88
CA GLU A 89 19.84 -6.83 -26.13
C GLU A 89 20.27 -8.28 -25.84
N ALA A 90 19.73 -9.23 -26.60
CA ALA A 90 19.89 -10.67 -26.36
C ALA A 90 21.34 -11.16 -26.17
N GLU A 91 22.25 -10.68 -27.04
CA GLU A 91 23.69 -11.02 -27.01
C GLU A 91 24.41 -10.71 -25.70
N TRP A 92 23.81 -9.85 -24.88
CA TRP A 92 24.38 -9.39 -23.62
C TRP A 92 23.97 -10.16 -22.37
N GLU A 93 23.01 -11.08 -22.54
CA GLU A 93 22.53 -11.94 -21.45
C GLU A 93 23.63 -12.87 -20.90
N ALA A 94 24.46 -13.38 -21.81
CA ALA A 94 25.56 -14.28 -21.45
C ALA A 94 26.61 -13.60 -20.57
N TYR A 95 26.83 -12.30 -20.79
CA TYR A 95 27.76 -11.50 -19.99
C TYR A 95 27.34 -11.44 -18.52
N ALA A 96 26.04 -11.22 -18.32
CA ALA A 96 25.42 -11.28 -17.00
C ALA A 96 25.64 -12.64 -16.35
N THR A 97 25.37 -13.70 -17.12
CA THR A 97 25.56 -15.11 -16.70
C THR A 97 26.99 -15.38 -16.19
N LYS A 98 27.98 -14.97 -17.00
CA LYS A 98 29.40 -15.16 -16.68
C LYS A 98 29.78 -14.45 -15.37
N LEU A 99 29.24 -13.24 -15.20
CA LEU A 99 29.49 -12.41 -14.02
C LEU A 99 28.85 -12.94 -12.74
N ALA A 100 27.70 -13.59 -12.88
CA ALA A 100 26.99 -14.14 -11.72
C ALA A 100 27.64 -15.41 -11.18
N ASN A 101 28.12 -16.26 -12.07
CA ASN A 101 28.73 -17.52 -11.69
C ASN A 101 30.14 -17.34 -11.22
N ALA A 102 30.88 -16.58 -11.99
CA ALA A 102 32.26 -16.28 -11.69
C ALA A 102 32.42 -15.73 -10.29
N PRO A 103 33.16 -16.45 -9.46
CA PRO A 103 33.56 -16.31 -8.07
C PRO A 103 33.99 -14.95 -7.63
N LEU A 104 33.72 -14.58 -6.39
CA LEU A 104 34.17 -13.30 -5.88
C LEU A 104 35.69 -13.22 -6.01
N GLU A 105 36.21 -12.13 -6.56
CA GLU A 105 37.64 -11.97 -6.82
C GLU A 105 38.18 -13.19 -7.57
N ASP A 109 37.78 -7.07 -11.18
CA ASP A 109 38.68 -8.22 -11.24
C ASP A 109 38.43 -9.06 -12.47
N VAL A 110 37.20 -9.58 -12.58
CA VAL A 110 36.74 -10.34 -13.75
C VAL A 110 35.91 -9.42 -14.64
N TYR A 111 35.40 -8.36 -14.01
CA TYR A 111 34.87 -7.15 -14.63
C TYR A 111 35.83 -6.62 -15.72
N ASP A 112 37.12 -6.60 -15.36
CA ASP A 112 38.22 -6.12 -16.19
C ASP A 112 38.36 -6.87 -17.51
N GLU A 113 38.33 -8.20 -17.42
CA GLU A 113 38.34 -9.11 -18.56
C GLU A 113 37.26 -8.79 -19.64
N LEU A 114 36.11 -8.28 -19.19
CA LEU A 114 34.99 -7.93 -20.08
C LEU A 114 35.13 -6.54 -20.68
N VAL A 115 35.83 -5.65 -19.99
CA VAL A 115 36.18 -4.33 -20.53
C VAL A 115 37.07 -4.49 -21.78
N LYS A 116 37.97 -5.48 -21.73
CA LYS A 116 38.82 -5.81 -22.88
C LYS A 116 38.03 -6.51 -23.99
N GLU A 117 37.24 -7.52 -23.60
CA GLU A 117 36.43 -8.35 -24.51
C GLU A 117 35.32 -7.55 -25.21
N ILE A 118 34.46 -6.88 -24.44
CA ILE A 118 33.53 -5.90 -25.01
C ILE A 118 34.31 -4.60 -25.06
N ASP A 119 34.50 -4.05 -26.25
CA ASP A 119 35.30 -2.84 -26.39
C ASP A 119 34.57 -1.67 -25.74
N VAL A 120 34.96 -1.35 -24.50
CA VAL A 120 34.26 -0.34 -23.67
C VAL A 120 35.15 0.84 -23.31
N SER A 121 34.63 2.04 -23.55
CA SER A 121 35.35 3.29 -23.34
C SER A 121 35.25 3.81 -21.91
N MET A 122 36.42 4.04 -21.31
CA MET A 122 36.52 4.54 -19.94
C MET A 122 36.20 6.04 -19.79
N GLU A 123 36.17 6.74 -20.92
CA GLU A 123 35.96 8.19 -21.01
C GLU A 123 34.60 8.67 -20.48
N ASN A 124 33.60 7.81 -20.49
CA ASN A 124 32.27 8.16 -19.96
C ASN A 124 31.98 7.49 -18.64
N PRO A 125 31.34 8.23 -17.71
CA PRO A 125 30.89 7.53 -16.52
C PRO A 125 29.60 6.79 -16.84
N ALA A 126 29.45 5.60 -16.24
CA ALA A 126 28.22 4.84 -16.35
C ALA A 126 27.08 5.57 -15.66
N ARG A 127 25.90 5.54 -16.28
CA ARG A 127 24.69 6.11 -15.70
C ARG A 127 23.57 5.04 -15.65
N VAL A 128 23.01 4.84 -14.46
CA VAL A 128 22.02 3.78 -14.22
C VAL A 128 20.93 4.22 -13.26
N VAL A 129 19.68 4.10 -13.71
CA VAL A 129 18.48 4.32 -12.91
C VAL A 129 17.94 2.97 -12.46
N PHE A 130 17.39 2.93 -11.23
CA PHE A 130 16.70 1.74 -10.78
C PHE A 130 15.43 2.00 -9.97
N ALA A 131 14.55 0.99 -9.98
CA ALA A 131 13.35 0.95 -9.14
C ALA A 131 13.04 -0.50 -8.74
N ARG A 132 12.05 -0.65 -7.86
CA ARG A 132 11.60 -1.96 -7.39
C ARG A 132 10.08 -2.02 -7.20
N ASP A 133 9.56 -3.25 -7.22
CA ASP A 133 8.19 -3.48 -6.77
C ASP A 133 8.11 -3.56 -5.23
N THR A 134 7.07 -4.19 -4.71
CA THR A 134 6.78 -4.18 -3.27
C THR A 134 7.47 -5.29 -2.46
N ARG A 135 8.31 -6.09 -3.12
CA ARG A 135 8.88 -7.27 -2.48
C ARG A 135 9.72 -6.97 -1.24
N ALA A 136 9.69 -7.91 -0.29
CA ALA A 136 10.36 -7.79 1.01
C ALA A 136 11.88 -7.67 0.89
N SER A 137 12.45 -8.35 -0.10
CA SER A 137 13.90 -8.38 -0.32
C SER A 137 14.46 -7.17 -1.07
N GLY A 138 13.55 -6.30 -1.53
CA GLY A 138 13.87 -5.16 -2.39
C GLY A 138 14.83 -4.15 -1.80
N SER A 139 14.62 -3.81 -0.53
CA SER A 139 15.45 -2.84 0.18
C SER A 139 16.93 -3.28 0.28
N ARG A 140 17.14 -4.52 0.71
CA ARG A 140 18.46 -5.14 0.78
C ARG A 140 19.08 -5.28 -0.62
N LEU A 141 18.26 -5.71 -1.58
CA LEU A 141 18.70 -5.90 -2.96
C LEU A 141 19.14 -4.62 -3.65
N ILE A 142 18.42 -3.53 -3.38
CA ILE A 142 18.81 -2.20 -3.83
C ILE A 142 20.12 -1.74 -3.16
N GLY A 143 20.28 -2.10 -1.89
CA GLY A 143 21.49 -1.84 -1.09
C GLY A 143 22.73 -2.46 -1.71
N VAL A 144 22.57 -3.72 -2.14
CA VAL A 144 23.55 -4.46 -2.93
C VAL A 144 23.86 -3.77 -4.27
N LEU A 145 22.80 -3.37 -4.98
CA LEU A 145 22.96 -2.73 -6.28
C LEU A 145 23.73 -1.42 -6.15
N SER A 146 23.40 -0.65 -5.11
CA SER A 146 24.10 0.58 -4.77
C SER A 146 25.59 0.41 -4.53
N ALA A 147 25.96 -0.66 -3.82
CA ALA A 147 27.35 -0.97 -3.50
C ALA A 147 28.18 -1.26 -4.75
N ALA A 148 27.57 -1.98 -5.70
CA ALA A 148 28.18 -2.29 -6.99
C ALA A 148 28.36 -1.05 -7.87
N LEU A 149 27.45 -0.09 -7.72
CA LEU A 149 27.50 1.12 -8.51
C LEU A 149 28.31 2.22 -7.82
N THR A 150 28.68 2.00 -6.56
CA THR A 150 29.61 2.87 -5.85
C THR A 150 31.07 2.47 -6.13
N ALA A 151 31.31 1.15 -6.18
CA ALA A 151 32.62 0.55 -6.48
C ALA A 151 33.14 0.88 -7.89
N THR A 152 32.32 0.61 -8.91
CA THR A 152 32.47 1.25 -10.22
C THR A 152 31.89 2.62 -9.95
N GLU A 153 32.51 3.67 -10.45
CA GLU A 153 32.14 5.01 -9.98
C GLU A 153 31.01 5.58 -10.83
N ALA A 154 29.91 4.82 -10.87
CA ALA A 154 28.77 5.15 -11.70
C ALA A 154 27.92 6.21 -11.03
N GLU A 155 27.33 7.10 -11.82
CA GLU A 155 26.19 7.89 -11.40
C GLU A 155 24.97 6.97 -11.40
N PHE A 156 24.13 7.12 -10.38
CA PHE A 156 22.88 6.37 -10.28
C PHE A 156 21.78 7.17 -9.59
N ILE A 157 20.54 6.85 -9.95
CA ILE A 157 19.36 7.44 -9.34
C ILE A 157 18.45 6.31 -8.85
N ASP A 158 18.09 6.38 -7.58
CA ASP A 158 17.12 5.47 -6.98
C ASP A 158 15.72 6.04 -7.21
N MET A 159 14.97 5.44 -8.12
CA MET A 159 13.59 5.87 -8.38
C MET A 159 12.57 5.30 -7.37
N LYS A 160 13.07 4.52 -6.40
CA LYS A 160 12.27 3.97 -5.30
C LYS A 160 11.25 2.90 -5.78
N PHE A 161 9.95 3.14 -5.55
CA PHE A 161 8.91 2.20 -5.91
C PHE A 161 8.19 2.61 -7.18
N MET A 162 8.23 1.73 -8.20
CA MET A 162 7.58 1.97 -9.50
C MET A 162 7.04 0.68 -10.13
N THR A 163 6.06 0.81 -11.02
CA THR A 163 5.66 -0.31 -11.87
C THR A 163 6.84 -0.59 -12.82
N THR A 164 6.85 -1.79 -13.42
CA THR A 164 7.88 -2.07 -14.40
C THR A 164 7.83 -1.06 -15.59
N PRO A 165 6.62 -0.77 -16.14
CA PRO A 165 6.60 0.14 -17.32
C PRO A 165 7.05 1.56 -17.04
N GLN A 166 6.84 2.04 -15.81
CA GLN A 166 7.30 3.36 -15.35
C GLN A 166 8.82 3.48 -15.43
N LEU A 167 9.53 2.45 -14.97
CA LEU A 167 10.97 2.42 -15.01
C LEU A 167 11.49 2.45 -16.45
N HIS A 168 10.83 1.68 -17.33
CA HIS A 168 11.18 1.67 -18.74
C HIS A 168 10.92 3.06 -19.32
N TYR A 169 9.85 3.70 -18.87
CA TYR A 169 9.49 5.04 -19.30
C TYR A 169 10.62 6.01 -18.99
N VAL A 170 11.07 6.00 -17.74
CA VAL A 170 12.12 6.88 -17.25
C VAL A 170 13.37 6.71 -18.10
N VAL A 171 13.79 5.47 -18.31
CA VAL A 171 15.01 5.17 -19.09
C VAL A 171 14.93 5.74 -20.50
N ARG A 172 13.80 5.53 -21.17
CA ARG A 172 13.55 6.11 -22.49
C ARG A 172 13.63 7.65 -22.46
N CYS A 173 12.94 8.27 -21.50
CA CYS A 173 12.90 9.72 -21.35
C CYS A 173 14.29 10.32 -21.23
N LYS A 174 15.09 9.75 -20.32
CA LYS A 174 16.45 10.21 -20.03
C LYS A 174 17.35 10.18 -21.27
N ASN A 175 17.20 9.15 -22.10
CA ASN A 175 18.03 8.99 -23.29
C ASN A 175 17.43 9.62 -24.56
N THR A 176 16.25 10.23 -24.44
CA THR A 176 15.64 10.95 -25.55
C THR A 176 15.45 12.44 -25.32
N LEU A 177 15.77 12.93 -24.12
CA LEU A 177 15.73 14.38 -23.88
C LEU A 177 16.67 15.12 -24.85
N GLY A 178 16.14 16.16 -25.49
CA GLY A 178 16.89 16.93 -26.48
C GLY A 178 16.95 16.36 -27.89
N THR A 179 16.34 15.18 -28.09
CA THR A 179 16.21 14.57 -29.43
C THR A 179 14.88 15.03 -30.07
N GLN A 180 14.67 14.66 -31.34
CA GLN A 180 13.42 14.98 -32.05
C GLN A 180 12.24 14.20 -31.45
N TYR A 181 12.51 13.02 -30.90
CA TYR A 181 11.48 12.20 -30.28
C TYR A 181 11.61 12.11 -28.76
N GLU A 182 11.45 13.27 -28.10
CA GLU A 182 11.43 13.36 -26.64
C GLU A 182 10.25 12.58 -26.10
N TYR A 183 10.52 11.72 -25.12
CA TYR A 183 9.52 10.82 -24.58
C TYR A 183 8.70 11.35 -23.38
N GLY A 184 9.22 12.36 -22.68
CA GLY A 184 8.54 13.05 -21.57
C GLY A 184 9.49 13.39 -20.41
N GLU A 185 8.94 13.97 -19.34
CA GLU A 185 9.69 14.22 -18.12
C GLU A 185 10.08 12.90 -17.40
N PRO A 186 11.40 12.65 -17.20
CA PRO A 186 11.88 11.37 -16.65
C PRO A 186 11.65 11.17 -15.15
N THR A 187 10.43 11.44 -14.68
CA THR A 187 10.06 11.21 -13.30
C THR A 187 8.76 10.42 -13.28
N GLU A 188 8.42 9.89 -12.10
CA GLU A 188 7.11 9.29 -11.85
C GLU A 188 5.99 10.29 -12.15
N GLN A 189 6.17 11.50 -11.65
CA GLN A 189 5.26 12.60 -11.96
C GLN A 189 5.08 12.79 -13.46
N GLY A 190 6.18 12.74 -14.22
CA GLY A 190 6.17 12.91 -15.69
C GLY A 190 5.26 11.90 -16.38
N TYR A 191 5.46 10.63 -16.01
CA TYR A 191 4.62 9.50 -16.43
C TYR A 191 3.11 9.73 -16.27
N TYR A 192 2.68 10.12 -15.08
CA TYR A 192 1.26 10.35 -14.84
C TYR A 192 0.73 11.48 -15.67
N GLU A 193 1.54 12.54 -15.80
CA GLU A 193 1.16 13.74 -16.51
C GLU A 193 0.92 13.44 -17.97
N LYS A 194 1.87 12.70 -18.57
CA LYS A 194 1.78 12.27 -19.96
C LYS A 194 0.51 11.46 -20.22
N LEU A 195 0.28 10.42 -19.42
CA LEU A 195 -0.92 9.57 -19.56
C LEU A 195 -2.24 10.33 -19.38
N ALA A 196 -2.29 11.19 -18.35
CA ALA A 196 -3.50 11.97 -18.08
C ALA A 196 -3.85 12.93 -19.23
N ALA A 197 -2.85 13.64 -19.74
CA ALA A 197 -3.06 14.60 -20.83
C ALA A 197 -3.44 13.89 -22.12
N ALA A 198 -2.77 12.77 -22.43
CA ALA A 198 -3.11 11.93 -23.58
C ALA A 198 -4.52 11.37 -23.48
N PHE A 199 -4.89 10.90 -22.29
CA PHE A 199 -6.23 10.35 -22.04
C PHE A 199 -7.34 11.39 -22.14
N LYS A 200 -7.06 12.64 -21.75
CA LYS A 200 -8.01 13.74 -21.96
C LYS A 200 -8.26 13.99 -23.46
N ARG A 201 -7.18 14.11 -24.23
CA ARG A 201 -7.26 14.30 -25.69
C ARG A 201 -7.97 13.13 -26.36
N VAL A 202 -7.52 11.90 -26.10
CA VAL A 202 -8.10 10.72 -26.75
C VAL A 202 -9.61 10.58 -26.46
N MET A 203 -10.04 11.09 -25.31
CA MET A 203 -11.43 10.98 -24.86
C MET A 203 -12.35 12.13 -25.27
N ARG A 204 -11.82 13.14 -25.96
CA ARG A 204 -12.61 14.31 -26.38
C ARG A 204 -13.95 13.93 -27.03
N GLY A 205 -15.05 14.39 -26.44
CA GLY A 205 -16.40 14.23 -27.00
C GLY A 205 -17.02 12.86 -26.81
N VAL A 206 -16.47 12.08 -25.90
CA VAL A 206 -16.85 10.68 -25.70
C VAL A 206 -16.85 10.37 -24.20
N LYS A 207 -17.61 9.35 -23.78
CA LYS A 207 -17.82 9.07 -22.35
C LYS A 207 -17.79 7.58 -22.01
N VAL A 208 -16.99 7.22 -20.99
CA VAL A 208 -16.99 5.86 -20.41
C VAL A 208 -18.33 5.63 -19.74
N LYS A 209 -18.87 4.41 -19.83
CA LYS A 209 -20.10 4.06 -19.16
C LYS A 209 -19.91 2.87 -18.23
N GLY A 210 -20.30 3.05 -16.98
CA GLY A 210 -20.20 2.00 -15.96
C GLY A 210 -18.84 1.99 -15.29
N SER A 211 -18.76 1.34 -14.14
CA SER A 211 -17.53 1.30 -13.38
C SER A 211 -16.55 0.25 -13.93
N LEU A 212 -15.28 0.44 -13.63
CA LEU A 212 -14.25 -0.58 -13.89
C LEU A 212 -13.58 -1.02 -12.58
N THR A 213 -13.75 -2.29 -12.23
CA THR A 213 -13.20 -2.87 -11.01
C THR A 213 -11.88 -3.52 -11.36
N VAL A 214 -10.80 -2.88 -10.91
CA VAL A 214 -9.44 -3.32 -11.20
C VAL A 214 -8.79 -4.01 -10.00
N ASP A 215 -8.52 -5.30 -10.16
CA ASP A 215 -7.72 -6.07 -9.21
C ASP A 215 -6.22 -5.84 -9.45
N CYS A 216 -5.57 -5.23 -8.46
CA CYS A 216 -4.15 -4.84 -8.57
C CYS A 216 -3.12 -5.80 -7.97
N ALA A 217 -3.56 -7.06 -7.79
CA ALA A 217 -2.71 -8.19 -7.42
C ALA A 217 -1.98 -8.03 -6.11
N ASN A 218 -2.43 -7.05 -5.32
CA ASN A 218 -1.79 -6.61 -4.06
C ASN A 218 -0.36 -6.13 -4.25
N GLY A 219 -0.06 -5.63 -5.45
CA GLY A 219 1.30 -5.27 -5.85
C GLY A 219 1.47 -3.80 -6.19
N VAL A 220 2.64 -3.46 -6.73
CA VAL A 220 3.02 -2.05 -6.95
C VAL A 220 2.01 -1.24 -7.79
N GLY A 221 1.27 -1.93 -8.66
CA GLY A 221 0.32 -1.33 -9.58
C GLY A 221 -0.86 -0.63 -8.94
N GLY A 222 -1.22 -1.06 -7.72
CA GLY A 222 -2.34 -0.48 -6.98
C GLY A 222 -2.14 0.95 -6.51
N PRO A 223 -1.07 1.19 -5.73
CA PRO A 223 -0.84 2.59 -5.35
C PRO A 223 -0.46 3.50 -6.53
N LYS A 224 0.15 2.96 -7.58
CA LYS A 224 0.52 3.77 -8.74
C LYS A 224 -0.67 4.13 -9.61
N LEU A 225 -1.63 3.20 -9.71
CA LEU A 225 -2.90 3.46 -10.39
C LEU A 225 -3.63 4.54 -9.62
N ARG A 226 -3.75 4.38 -8.30
CA ARG A 226 -4.46 5.34 -7.44
C ARG A 226 -3.86 6.74 -7.57
N GLU A 227 -2.53 6.82 -7.68
CA GLU A 227 -1.82 8.08 -7.88
C GLU A 227 -2.09 8.68 -9.29
N LEU A 228 -2.05 7.84 -10.35
CA LEU A 228 -2.50 8.27 -11.69
C LEU A 228 -3.93 8.84 -11.67
N ILE A 229 -4.84 8.20 -10.94
CA ILE A 229 -6.25 8.65 -10.84
C ILE A 229 -6.39 10.12 -10.39
N LYS A 230 -5.45 10.60 -9.56
CA LYS A 230 -5.41 12.00 -9.13
C LYS A 230 -5.19 12.98 -10.30
N TYR A 231 -4.44 12.54 -11.31
CA TYR A 231 -4.04 13.38 -12.42
C TYR A 231 -5.04 13.34 -13.57
N LEU A 232 -5.85 12.29 -13.63
CA LEU A 232 -6.79 12.08 -14.74
C LEU A 232 -7.81 13.20 -14.78
N PRO A 233 -8.39 13.47 -15.97
CA PRO A 233 -9.40 14.52 -16.11
C PRO A 233 -10.78 14.13 -15.58
N GLU A 234 -11.77 15.01 -15.81
CA GLU A 234 -12.96 15.08 -14.96
C GLU A 234 -14.22 14.48 -15.57
N ASP A 235 -14.46 14.80 -16.83
CA ASP A 235 -15.75 14.53 -17.46
C ASP A 235 -15.67 13.38 -18.49
N THR A 236 -14.73 12.47 -18.25
CA THR A 236 -14.52 11.27 -19.09
C THR A 236 -15.51 10.13 -18.82
N GLY A 237 -16.13 10.13 -17.64
CA GLY A 237 -17.09 9.09 -17.22
C GLY A 237 -16.43 7.90 -16.57
N LEU A 238 -15.10 7.86 -16.59
CA LEU A 238 -14.30 6.77 -16.03
C LEU A 238 -14.33 6.76 -14.52
N ASP A 239 -14.86 5.70 -13.93
CA ASP A 239 -14.67 5.50 -12.50
C ASP A 239 -14.13 4.11 -12.14
N ILE A 240 -12.96 4.14 -11.51
CA ILE A 240 -12.19 2.95 -11.22
C ILE A 240 -12.43 2.58 -9.75
N LYS A 241 -12.70 1.30 -9.51
CA LYS A 241 -12.75 0.77 -8.17
C LYS A 241 -11.54 -0.13 -8.00
N ILE A 242 -10.64 0.26 -7.09
CA ILE A 242 -9.43 -0.52 -6.83
C ILE A 242 -9.72 -1.59 -5.79
N VAL A 243 -9.36 -2.83 -6.10
CA VAL A 243 -9.41 -3.95 -5.17
C VAL A 243 -8.07 -4.69 -5.21
N ASN A 244 -7.80 -5.43 -4.14
CA ASN A 244 -6.54 -6.14 -3.94
C ASN A 244 -5.36 -5.19 -4.09
N ASP A 245 -5.21 -4.32 -3.09
CA ASP A 245 -4.07 -3.40 -2.97
C ASP A 245 -3.36 -3.51 -1.63
N ASP A 246 -3.35 -4.73 -1.08
CA ASP A 246 -2.79 -5.00 0.23
C ASP A 246 -1.26 -5.11 0.08
N VAL A 247 -0.63 -3.99 -0.29
CA VAL A 247 0.81 -3.89 -0.55
C VAL A 247 1.63 -3.99 0.73
N ILE A 248 1.01 -3.55 1.81
CA ILE A 248 1.53 -3.56 3.17
C ILE A 248 2.05 -4.94 3.56
N ASN A 249 1.24 -5.96 3.27
CA ASN A 249 1.55 -7.35 3.54
C ASN A 249 2.27 -8.00 2.36
N PRO A 250 3.58 -8.29 2.52
CA PRO A 250 4.32 -8.98 1.43
C PRO A 250 3.66 -10.29 1.00
N ASP A 251 3.08 -11.04 1.94
CA ASP A 251 2.45 -12.34 1.66
C ASP A 251 1.25 -12.23 0.72
N SER A 252 0.69 -11.03 0.59
CA SER A 252 -0.51 -10.83 -0.24
C SER A 252 -0.25 -10.70 -1.74
N LEU A 253 1.02 -10.57 -2.12
CA LEU A 253 1.39 -10.35 -3.50
C LEU A 253 1.06 -11.54 -4.40
N ASN A 254 0.24 -11.28 -5.41
CA ASN A 254 -0.26 -12.30 -6.36
C ASN A 254 -1.03 -13.49 -5.73
N PHE A 255 -1.44 -13.36 -4.46
CA PHE A 255 -2.14 -14.43 -3.73
C PHE A 255 -3.60 -14.50 -4.13
N GLU A 256 -3.89 -15.50 -4.96
CA GLU A 256 -5.25 -15.81 -5.43
C GLU A 256 -5.94 -14.62 -6.09
N CYS A 257 -5.12 -13.73 -6.66
CA CYS A 257 -5.59 -12.60 -7.45
C CYS A 257 -4.49 -12.24 -8.47
N GLY A 258 -4.74 -11.22 -9.28
CA GLY A 258 -3.79 -10.79 -10.32
C GLY A 258 -4.03 -11.47 -11.66
N ALA A 259 -3.48 -10.84 -12.71
CA ALA A 259 -3.75 -11.27 -14.09
C ALA A 259 -3.34 -12.71 -14.39
N ASP A 260 -2.23 -13.13 -13.77
CA ASP A 260 -1.71 -14.47 -13.98
C ASP A 260 -2.63 -15.56 -13.39
N TYR A 261 -3.08 -15.38 -12.15
CA TYR A 261 -4.14 -16.22 -11.55
C TYR A 261 -5.38 -16.32 -12.45
N VAL A 262 -5.93 -15.16 -12.79
CA VAL A 262 -7.17 -15.07 -13.54
C VAL A 262 -7.05 -15.74 -14.90
N LYS A 263 -5.94 -15.53 -15.59
CA LYS A 263 -5.70 -16.12 -16.91
C LYS A 263 -5.54 -17.64 -16.82
N THR A 264 -4.64 -18.11 -15.95
CA THR A 264 -4.29 -19.54 -15.87
C THR A 264 -5.38 -20.40 -15.25
N LYS A 265 -6.18 -19.83 -14.34
CA LYS A 265 -7.22 -20.58 -13.62
C LYS A 265 -8.62 -20.40 -14.21
N GLN A 266 -8.78 -19.38 -15.06
CA GLN A 266 -10.02 -19.10 -15.81
C GLN A 266 -11.22 -18.76 -14.91
N ARG A 267 -10.92 -18.09 -13.80
CA ARG A 267 -11.93 -17.62 -12.86
C ARG A 267 -11.56 -16.23 -12.37
N ALA A 268 -12.56 -15.50 -11.89
CA ALA A 268 -12.38 -14.28 -11.11
C ALA A 268 -11.63 -14.60 -9.78
N PRO A 269 -10.96 -13.57 -9.19
CA PRO A 269 -10.33 -13.90 -7.89
C PRO A 269 -11.39 -14.31 -6.85
N PRO A 270 -11.09 -15.33 -6.01
CA PRO A 270 -12.00 -15.81 -4.96
C PRO A 270 -12.64 -14.68 -4.15
N SER A 271 -11.86 -13.65 -3.83
CA SER A 271 -12.33 -12.55 -2.98
C SER A 271 -13.15 -11.48 -3.71
N SER A 272 -13.32 -11.64 -5.01
CA SER A 272 -14.02 -10.65 -5.82
C SER A 272 -15.48 -10.48 -5.43
N LYS A 273 -15.91 -9.23 -5.41
CA LYS A 273 -17.25 -8.86 -5.00
C LYS A 273 -18.03 -8.23 -6.16
N ALA A 274 -17.49 -8.35 -7.37
CA ALA A 274 -18.10 -7.76 -8.56
C ALA A 274 -19.45 -8.40 -8.83
N SER A 275 -20.41 -7.57 -9.25
CA SER A 275 -21.77 -8.03 -9.55
C SER A 275 -21.81 -8.59 -10.96
N ILE A 276 -22.99 -9.09 -11.33
CA ILE A 276 -23.27 -9.51 -12.69
C ILE A 276 -23.16 -8.28 -13.58
N LEU A 277 -22.37 -8.41 -14.65
CA LEU A 277 -22.14 -7.35 -15.64
C LEU A 277 -21.19 -6.21 -15.27
N ASP A 278 -20.59 -6.25 -14.07
CA ASP A 278 -19.49 -5.33 -13.72
C ASP A 278 -18.25 -5.56 -14.59
N ARG A 279 -17.84 -4.53 -15.32
CA ARG A 279 -16.60 -4.59 -16.11
C ARG A 279 -15.37 -4.62 -15.20
N CYS A 280 -14.52 -5.62 -15.39
CA CYS A 280 -13.42 -5.91 -14.48
C CYS A 280 -12.13 -6.07 -15.21
N ALA A 281 -11.02 -5.93 -14.49
CA ALA A 281 -9.70 -6.26 -15.00
C ALA A 281 -8.76 -6.67 -13.88
N SER A 282 -7.68 -7.33 -14.26
CA SER A 282 -6.61 -7.70 -13.35
C SER A 282 -5.26 -7.29 -13.93
N LEU A 283 -4.43 -6.70 -13.07
CA LEU A 283 -3.03 -6.38 -13.37
C LEU A 283 -2.20 -7.47 -12.76
N ASP A 284 -0.97 -7.67 -13.25
CA ASP A 284 -0.04 -8.53 -12.53
C ASP A 284 0.72 -7.70 -11.48
N GLY A 285 1.59 -8.36 -10.71
CA GLY A 285 2.32 -7.74 -9.60
C GLY A 285 3.14 -6.51 -9.94
N ASP A 286 3.73 -6.47 -11.13
CA ASP A 286 4.55 -5.33 -11.55
C ASP A 286 3.87 -4.49 -12.64
N ALA A 287 2.58 -4.80 -12.86
CA ALA A 287 1.67 -4.06 -13.70
C ALA A 287 2.12 -3.82 -15.16
N ASP A 288 2.68 -4.86 -15.76
CA ASP A 288 2.91 -4.90 -17.20
C ASP A 288 2.05 -5.98 -17.91
N ARG A 289 1.05 -6.49 -17.21
CA ARG A 289 0.08 -7.44 -17.78
C ARG A 289 -1.32 -7.09 -17.29
N ILE A 290 -2.25 -7.04 -18.22
CA ILE A 290 -3.64 -6.81 -17.89
C ILE A 290 -4.55 -7.76 -18.69
N LEU A 291 -5.66 -8.15 -18.08
CA LEU A 291 -6.80 -8.71 -18.81
C LEU A 291 -8.13 -8.33 -18.24
N TYR A 292 -9.11 -8.30 -19.11
CA TYR A 292 -10.45 -7.98 -18.74
C TYR A 292 -11.26 -9.26 -18.53
N TYR A 293 -12.35 -9.11 -17.78
CA TYR A 293 -13.30 -10.18 -17.52
C TYR A 293 -14.62 -9.62 -17.00
N PHE A 294 -15.68 -10.41 -17.13
CA PHE A 294 -17.00 -10.03 -16.62
C PHE A 294 -17.85 -11.26 -16.38
N LEU A 295 -18.87 -11.11 -15.54
CA LEU A 295 -19.84 -12.17 -15.31
C LEU A 295 -21.05 -11.96 -16.21
N ASP A 296 -21.33 -12.98 -17.01
CA ASP A 296 -22.51 -13.11 -17.88
C ASP A 296 -23.79 -12.66 -17.25
N GLU A 297 -24.73 -12.24 -18.09
CA GLU A 297 -26.13 -12.03 -17.67
C GLU A 297 -26.69 -13.29 -16.94
N GLY A 298 -26.08 -14.45 -17.23
CA GLY A 298 -26.35 -15.72 -16.55
C GLY A 298 -25.26 -16.26 -15.63
N ASN A 299 -24.45 -15.35 -15.06
CA ASN A 299 -23.47 -15.65 -13.97
C ASN A 299 -22.24 -16.50 -14.37
N VAL A 300 -22.02 -16.64 -15.68
CA VAL A 300 -20.86 -17.34 -16.23
C VAL A 300 -19.70 -16.34 -16.32
N PHE A 301 -18.52 -16.74 -15.83
CA PHE A 301 -17.28 -15.96 -15.96
C PHE A 301 -16.81 -15.88 -17.41
N ARG A 302 -16.55 -14.67 -17.87
CA ARG A 302 -16.17 -14.40 -19.26
C ARG A 302 -14.85 -13.64 -19.34
N LEU A 303 -13.83 -14.30 -19.90
CA LEU A 303 -12.49 -13.74 -20.00
C LEU A 303 -12.26 -13.02 -21.32
N LEU A 304 -11.66 -11.84 -21.19
CA LEU A 304 -11.24 -11.04 -22.33
C LEU A 304 -9.76 -10.78 -22.16
N ASP A 305 -8.95 -11.71 -22.68
CA ASP A 305 -7.52 -11.76 -22.42
C ASP A 305 -6.73 -10.87 -23.40
N GLY A 306 -5.40 -11.00 -23.40
CA GLY A 306 -4.53 -10.22 -24.28
C GLY A 306 -4.85 -10.27 -25.76
N ASP A 307 -5.17 -11.46 -26.26
CA ASP A 307 -5.56 -11.63 -27.65
C ASP A 307 -6.87 -10.92 -28.00
N ARG A 308 -7.74 -10.82 -27.00
CA ARG A 308 -8.98 -10.08 -27.10
C ARG A 308 -8.76 -8.55 -27.05
N ILE A 309 -7.79 -8.11 -26.24
CA ILE A 309 -7.36 -6.71 -26.24
C ILE A 309 -6.69 -6.36 -27.58
N ALA A 310 -5.87 -7.28 -28.08
CA ALA A 310 -5.22 -7.14 -29.39
C ALA A 310 -6.22 -6.88 -30.50
N THR A 311 -7.30 -7.66 -30.56
CA THR A 311 -8.30 -7.51 -31.62
C THR A 311 -9.14 -6.25 -31.43
N LEU A 312 -9.42 -5.91 -30.17
CA LEU A 312 -10.11 -4.66 -29.84
C LEU A 312 -9.31 -3.46 -30.32
N ALA A 313 -8.04 -3.41 -29.92
CA ALA A 313 -7.10 -2.34 -30.32
C ALA A 313 -6.96 -2.19 -31.82
N ALA A 314 -6.77 -3.32 -32.52
CA ALA A 314 -6.57 -3.32 -33.98
C ALA A 314 -7.78 -2.83 -34.73
N SER A 315 -8.96 -3.20 -34.23
CA SER A 315 -10.21 -2.75 -34.78
C SER A 315 -10.31 -1.23 -34.69
N PHE A 316 -9.97 -0.69 -33.52
CA PHE A 316 -10.07 0.75 -33.28
C PHE A 316 -9.04 1.52 -34.09
N ILE A 317 -7.81 1.02 -34.13
CA ILE A 317 -6.72 1.67 -34.84
C ILE A 317 -6.96 1.61 -36.35
N GLY A 318 -7.41 0.46 -36.83
CA GLY A 318 -7.89 0.29 -38.19
C GLY A 318 -8.92 1.33 -38.59
N ASP A 319 -9.98 1.48 -37.78
CA ASP A 319 -11.05 2.46 -38.06
C ASP A 319 -10.54 3.90 -38.11
N LEU A 320 -9.64 4.25 -37.19
CA LEU A 320 -9.14 5.63 -37.07
C LEU A 320 -8.26 5.97 -38.24
N ALA A 321 -7.32 5.07 -38.57
CA ALA A 321 -6.45 5.25 -39.74
C ALA A 321 -7.25 5.42 -41.03
N ARG A 322 -8.37 4.72 -41.14
CA ARG A 322 -9.30 4.89 -42.26
C ARG A 322 -9.88 6.31 -42.28
N SER A 323 -10.69 6.66 -41.27
CA SER A 323 -11.35 7.98 -41.20
C SER A 323 -10.37 9.15 -41.17
N ALA A 324 -9.15 8.92 -40.68
CA ALA A 324 -8.06 9.90 -40.76
C ALA A 324 -7.44 9.98 -42.17
N GLY A 325 -7.89 9.12 -43.07
CA GLY A 325 -7.42 9.08 -44.46
C GLY A 325 -5.99 8.63 -44.64
N ILE A 326 -5.44 7.92 -43.66
CA ILE A 326 -4.03 7.48 -43.71
C ILE A 326 -3.84 5.94 -43.72
N ALA A 327 -4.96 5.22 -43.84
CA ALA A 327 -4.96 3.75 -43.87
C ALA A 327 -4.08 3.18 -44.98
N GLN A 328 -4.06 3.85 -46.12
CA GLN A 328 -3.25 3.42 -47.27
C GLN A 328 -1.75 3.77 -47.14
N LYS A 329 -1.45 4.95 -46.61
CA LYS A 329 -0.07 5.40 -46.44
C LYS A 329 0.75 4.57 -45.42
N LEU A 330 0.06 4.04 -44.42
CA LEU A 330 0.69 3.34 -43.31
C LEU A 330 0.38 1.83 -43.32
N LYS A 331 1.43 1.04 -43.10
CA LYS A 331 1.26 -0.40 -42.98
C LYS A 331 0.91 -0.77 -41.54
N ILE A 332 -0.34 -1.22 -41.37
CA ILE A 332 -0.88 -1.65 -40.08
C ILE A 332 -0.98 -3.19 -39.99
N GLY A 333 -0.63 -3.74 -38.83
CA GLY A 333 -0.67 -5.17 -38.59
C GLY A 333 -0.84 -5.61 -37.16
N VAL A 334 -1.28 -6.85 -37.00
CA VAL A 334 -1.34 -7.54 -35.71
C VAL A 334 -0.30 -8.68 -35.68
N VAL A 335 0.45 -8.70 -34.58
CA VAL A 335 1.51 -9.65 -34.35
C VAL A 335 1.01 -10.59 -33.24
N GLN A 336 1.03 -11.90 -33.54
CA GLN A 336 0.50 -12.97 -32.67
C GLN A 336 1.52 -14.08 -32.45
N THR A 337 1.28 -14.91 -31.45
CA THR A 337 1.98 -16.18 -31.35
C THR A 337 1.00 -17.27 -31.78
N ALA A 338 1.49 -18.50 -31.80
CA ALA A 338 0.69 -19.68 -32.16
C ALA A 338 -0.50 -19.97 -31.21
N TYR A 339 -0.37 -19.56 -29.94
CA TYR A 339 -1.41 -19.74 -28.91
C TYR A 339 -2.66 -18.90 -29.11
N ALA A 340 -2.56 -17.85 -29.93
CA ALA A 340 -3.69 -17.00 -30.28
C ALA A 340 -4.79 -17.87 -30.87
N ASN A 341 -6.00 -17.72 -30.34
CA ASN A 341 -7.12 -18.49 -30.84
C ASN A 341 -7.31 -18.26 -32.33
N GLY A 342 -7.46 -19.36 -33.08
CA GLY A 342 -7.67 -19.30 -34.52
C GLY A 342 -8.78 -18.35 -34.97
N SER A 343 -9.81 -18.20 -34.12
CA SER A 343 -10.90 -17.24 -34.37
C SER A 343 -10.43 -15.80 -34.34
N SER A 344 -9.44 -15.50 -33.49
CA SER A 344 -8.89 -14.15 -33.40
C SER A 344 -8.19 -13.80 -34.69
N THR A 345 -7.36 -14.72 -35.17
CA THR A 345 -6.68 -14.60 -36.46
C THR A 345 -7.66 -14.41 -37.61
N GLU A 346 -8.71 -15.26 -37.65
CA GLU A 346 -9.73 -15.19 -38.69
C GLU A 346 -10.44 -13.84 -38.70
N TYR A 347 -10.73 -13.34 -37.51
CA TYR A 347 -11.35 -12.03 -37.34
C TYR A 347 -10.46 -10.92 -37.87
N ILE A 348 -9.17 -11.02 -37.64
CA ILE A 348 -8.23 -9.98 -38.04
C ILE A 348 -8.18 -9.95 -39.57
N GLU A 349 -8.06 -11.14 -40.17
CA GLU A 349 -7.77 -11.25 -41.59
C GLU A 349 -9.01 -11.10 -42.46
N LYS A 350 -10.15 -11.60 -42.00
CA LYS A 350 -11.40 -11.57 -42.77
C LYS A 350 -12.34 -10.44 -42.40
N VAL A 351 -12.33 -9.99 -41.15
CA VAL A 351 -13.26 -8.93 -40.71
C VAL A 351 -12.58 -7.56 -40.69
N LEU A 352 -11.34 -7.50 -40.21
CA LEU A 352 -10.60 -6.23 -40.14
C LEU A 352 -9.76 -5.95 -41.35
N LYS A 353 -9.50 -7.00 -42.14
CA LYS A 353 -8.71 -6.92 -43.36
C LYS A 353 -7.29 -6.43 -43.08
N LEU A 354 -6.72 -6.94 -42.00
CA LEU A 354 -5.34 -6.61 -41.62
C LEU A 354 -4.48 -7.85 -41.65
N PRO A 355 -3.16 -7.68 -41.91
CA PRO A 355 -2.23 -8.81 -41.84
C PRO A 355 -1.96 -9.26 -40.41
N SER A 356 -1.97 -10.57 -40.20
CA SER A 356 -1.48 -11.14 -38.98
C SER A 356 -0.11 -11.74 -39.25
N VAL A 357 0.84 -11.44 -38.39
CA VAL A 357 2.14 -12.08 -38.46
C VAL A 357 2.24 -12.96 -37.22
N CYS A 358 2.58 -14.23 -37.41
CA CYS A 358 2.82 -15.14 -36.30
C CYS A 358 4.32 -15.21 -36.08
N THR A 359 4.73 -15.14 -34.81
CA THR A 359 6.15 -15.11 -34.45
C THR A 359 6.35 -16.07 -33.31
N ASN A 360 7.61 -16.39 -33.02
CA ASN A 360 8.00 -17.10 -31.81
C ASN A 360 7.37 -16.50 -30.55
N THR A 361 7.12 -17.35 -29.58
CA THR A 361 6.80 -16.92 -28.23
C THR A 361 7.99 -16.11 -27.68
N GLY A 362 7.69 -15.09 -26.86
CA GLY A 362 8.73 -14.27 -26.24
C GLY A 362 8.60 -12.83 -26.70
N VAL A 363 8.48 -11.91 -25.73
CA VAL A 363 8.15 -10.51 -26.02
C VAL A 363 9.10 -9.84 -27.01
N LYS A 364 10.39 -10.20 -26.92
CA LYS A 364 11.40 -9.75 -27.87
C LYS A 364 10.99 -9.98 -29.31
N HIS A 365 10.58 -11.21 -29.61
CA HIS A 365 10.17 -11.57 -30.96
C HIS A 365 8.90 -10.84 -31.41
N LEU A 366 7.96 -10.61 -30.51
CA LEU A 366 6.72 -9.93 -30.91
C LEU A 366 6.99 -8.45 -31.13
N HIS A 367 7.76 -7.84 -30.21
CA HIS A 367 8.21 -6.44 -30.33
C HIS A 367 8.97 -6.24 -31.64
N HIS A 368 9.93 -7.13 -31.91
CA HIS A 368 10.70 -7.09 -33.16
C HIS A 368 9.82 -7.17 -34.40
N ALA A 369 8.84 -8.07 -34.41
CA ALA A 369 7.95 -8.22 -35.56
C ALA A 369 7.01 -7.02 -35.74
N ALA A 370 6.56 -6.47 -34.62
CA ALA A 370 5.66 -5.30 -34.63
C ALA A 370 6.33 -4.06 -35.19
N MET A 371 7.62 -3.87 -34.86
CA MET A 371 8.41 -2.74 -35.34
C MET A 371 8.69 -2.78 -36.83
N ARG A 372 8.12 -3.77 -37.51
CA ARG A 372 8.22 -3.90 -38.95
C ARG A 372 6.98 -3.35 -39.63
N PHE A 373 5.94 -3.05 -38.84
CA PHE A 373 4.76 -2.30 -39.31
C PHE A 373 4.92 -0.82 -38.94
N ASP A 374 4.15 0.04 -39.59
CA ASP A 374 4.08 1.44 -39.16
C ASP A 374 3.29 1.52 -37.85
N VAL A 375 2.21 0.73 -37.78
CA VAL A 375 1.44 0.56 -36.58
C VAL A 375 1.32 -0.94 -36.33
N GLY A 376 2.09 -1.43 -35.36
CA GLY A 376 2.09 -2.83 -34.97
C GLY A 376 1.47 -3.13 -33.61
N VAL A 377 0.30 -3.77 -33.64
CA VAL A 377 -0.37 -4.25 -32.44
C VAL A 377 0.21 -5.63 -32.10
N TYR A 378 0.77 -5.79 -30.89
CA TYR A 378 1.19 -7.11 -30.41
C TYR A 378 0.80 -7.30 -28.96
N PHE A 379 0.12 -8.41 -28.69
CA PHE A 379 -0.28 -8.82 -27.34
C PHE A 379 -0.13 -10.33 -27.26
N GLU A 380 0.32 -10.83 -26.10
CA GLU A 380 0.18 -12.23 -25.79
C GLU A 380 -1.10 -12.43 -24.98
N ALA A 381 -1.60 -13.67 -24.95
CA ALA A 381 -2.83 -14.01 -24.21
C ALA A 381 -2.75 -13.61 -22.72
N ASN A 382 -1.56 -13.77 -22.13
CA ASN A 382 -1.33 -13.43 -20.71
C ASN A 382 -1.53 -11.93 -20.39
N GLY A 383 -1.72 -11.12 -21.42
CA GLY A 383 -2.05 -9.72 -21.23
C GLY A 383 -0.91 -8.72 -21.33
N HIS A 384 0.29 -9.19 -21.66
CA HIS A 384 1.40 -8.32 -22.01
C HIS A 384 1.31 -7.88 -23.46
N GLY A 385 1.36 -6.57 -23.70
CA GLY A 385 1.54 -6.08 -25.06
C GLY A 385 1.35 -4.59 -25.22
N THR A 386 1.65 -4.11 -26.42
CA THR A 386 1.52 -2.69 -26.75
C THR A 386 1.29 -2.48 -28.26
N ILE A 387 1.18 -1.21 -28.67
CA ILE A 387 1.05 -0.83 -30.07
C ILE A 387 2.28 0.02 -30.40
N THR A 388 3.04 -0.48 -31.37
CA THR A 388 4.27 0.15 -31.85
C THR A 388 3.94 1.21 -32.90
N PHE A 389 4.51 2.39 -32.76
CA PHE A 389 4.39 3.45 -33.77
C PHE A 389 5.75 3.78 -34.34
N SER A 390 5.89 3.64 -35.65
CA SER A 390 7.18 3.86 -36.30
C SER A 390 7.40 5.35 -36.51
N GLU A 391 8.68 5.72 -36.66
CA GLU A 391 9.09 7.08 -37.07
C GLU A 391 8.20 7.59 -38.20
N ASN A 392 8.09 6.77 -39.25
CA ASN A 392 7.18 7.05 -40.35
C ASN A 392 5.72 7.25 -39.94
N ALA A 393 5.23 6.44 -38.99
CA ALA A 393 3.83 6.57 -38.55
C ALA A 393 3.58 7.90 -37.85
N LEU A 394 4.53 8.31 -37.02
CA LEU A 394 4.44 9.53 -36.23
C LEU A 394 4.42 10.78 -37.11
N LYS A 395 5.27 10.79 -38.14
CA LYS A 395 5.33 11.91 -39.08
C LYS A 395 3.99 12.07 -39.81
N THR A 396 3.47 11.00 -40.40
CA THR A 396 2.25 11.11 -41.22
C THR A 396 0.98 11.39 -40.40
N ILE A 397 1.01 11.09 -39.10
CA ILE A 397 -0.12 11.43 -38.21
C ILE A 397 -0.06 12.92 -37.86
N LYS A 398 1.14 13.41 -37.60
CA LYS A 398 1.35 14.82 -37.26
C LYS A 398 1.25 15.78 -38.46
N ASN A 399 1.53 15.29 -39.67
CA ASN A 399 1.68 16.16 -40.85
C ASN A 399 0.67 15.99 -41.98
N THR A 400 -0.29 15.08 -41.83
CA THR A 400 -1.36 14.94 -42.81
C THR A 400 -2.35 16.06 -42.54
N GLU A 401 -2.75 16.77 -43.60
CA GLU A 401 -3.78 17.81 -43.44
C GLU A 401 -5.19 17.28 -43.67
N PRO A 402 -6.06 17.45 -42.65
CA PRO A 402 -7.44 16.98 -42.69
C PRO A 402 -8.28 17.72 -43.72
N GLN A 403 -8.80 16.99 -44.71
CA GLN A 403 -9.70 17.54 -45.72
C GLN A 403 -11.19 17.43 -45.28
N SER A 404 -11.39 17.03 -44.02
CA SER A 404 -12.71 16.87 -43.39
C SER A 404 -12.54 17.13 -41.88
N PRO A 405 -13.64 17.49 -41.17
CA PRO A 405 -13.58 17.57 -39.70
C PRO A 405 -13.35 16.22 -39.01
N GLN A 407 -12.16 13.34 -39.95
CA GLN A 407 -10.74 13.20 -40.29
C GLN A 407 -9.79 13.93 -39.34
N GLN A 408 -10.01 15.22 -39.15
CA GLN A 408 -9.27 16.04 -38.18
C GLN A 408 -9.40 15.43 -36.79
N ARG A 409 -10.64 15.16 -36.42
CA ARG A 409 -11.00 14.48 -35.16
C ARG A 409 -10.22 13.17 -34.98
N SER A 410 -10.11 12.40 -36.07
CA SER A 410 -9.47 11.09 -36.09
C SER A 410 -7.95 11.19 -35.93
N LEU A 411 -7.33 12.12 -36.67
CA LEU A 411 -5.92 12.43 -36.52
C LEU A 411 -5.58 12.90 -35.08
N GLU A 412 -6.49 13.71 -34.52
CA GLU A 412 -6.40 14.21 -33.14
C GLU A 412 -6.37 13.01 -32.20
N CYS A 413 -7.34 12.12 -32.37
CA CYS A 413 -7.47 10.89 -31.60
C CYS A 413 -6.24 9.99 -31.71
N LEU A 414 -5.65 9.95 -32.90
CA LEU A 414 -4.52 9.07 -33.19
C LEU A 414 -3.20 9.60 -32.63
N GLN A 415 -2.98 10.90 -32.80
CA GLN A 415 -1.84 11.61 -32.19
C GLN A 415 -1.83 11.36 -30.67
N ALA A 416 -2.98 11.58 -30.03
CA ALA A 416 -3.19 11.29 -28.61
C ALA A 416 -2.79 9.87 -28.21
N LEU A 417 -3.13 8.91 -29.05
CA LEU A 417 -2.88 7.50 -28.78
C LEU A 417 -1.42 7.20 -28.73
N THR A 418 -0.64 7.88 -29.56
CA THR A 418 0.82 7.71 -29.54
C THR A 418 1.41 8.13 -28.19
N ASP A 419 0.78 9.10 -27.54
CA ASP A 419 1.23 9.53 -26.21
C ASP A 419 0.68 8.65 -25.09
N LEU A 420 -0.54 8.14 -25.28
CA LEU A 420 -1.20 7.25 -24.32
C LEU A 420 -0.58 5.85 -24.25
N ILE A 421 -0.19 5.31 -25.40
CA ILE A 421 0.29 3.96 -25.50
C ILE A 421 1.79 3.98 -25.25
N ASN A 422 2.21 3.20 -24.27
CA ASN A 422 3.61 3.10 -23.89
C ASN A 422 4.39 2.36 -24.97
N GLN A 423 5.34 3.08 -25.57
CA GLN A 423 6.18 2.62 -26.65
C GLN A 423 7.37 1.79 -26.21
N ALA A 424 7.83 2.01 -24.97
CA ALA A 424 9.03 1.33 -24.48
C ALA A 424 8.72 -0.12 -24.16
N VAL A 425 7.58 -0.35 -23.52
CA VAL A 425 7.21 -1.68 -23.02
C VAL A 425 5.70 -1.78 -22.91
N GLY A 426 5.15 -3.00 -23.03
CA GLY A 426 3.74 -3.27 -22.74
C GLY A 426 3.44 -2.89 -21.29
N ASP A 427 2.30 -2.23 -21.09
CA ASP A 427 2.02 -1.43 -19.87
C ASP A 427 0.55 -1.51 -19.51
N ALA A 428 0.27 -2.17 -18.39
CA ALA A 428 -1.10 -2.52 -18.01
C ALA A 428 -2.00 -1.31 -17.80
N ILE A 429 -1.45 -0.26 -17.18
CA ILE A 429 -2.22 0.95 -16.89
C ILE A 429 -2.53 1.70 -18.17
N SER A 430 -1.53 1.77 -19.04
CA SER A 430 -1.67 2.34 -20.36
C SER A 430 -2.74 1.55 -21.14
N ASP A 431 -2.56 0.22 -21.19
CA ASP A 431 -3.51 -0.68 -21.90
C ASP A 431 -4.95 -0.59 -21.37
N MET A 432 -5.10 -0.40 -20.06
CA MET A 432 -6.38 -0.26 -19.43
C MET A 432 -7.09 0.97 -19.93
N LEU A 433 -6.39 2.10 -19.93
CA LEU A 433 -6.97 3.35 -20.42
C LEU A 433 -7.30 3.25 -21.91
N LEU A 434 -6.45 2.56 -22.66
CA LEU A 434 -6.66 2.27 -24.07
C LEU A 434 -7.98 1.55 -24.26
N VAL A 435 -8.15 0.42 -23.57
CA VAL A 435 -9.41 -0.36 -23.65
C VAL A 435 -10.60 0.55 -23.32
N GLU A 436 -10.46 1.32 -22.24
CA GLU A 436 -11.53 2.18 -21.76
C GLU A 436 -11.92 3.21 -22.80
N ALA A 437 -10.91 3.80 -23.44
CA ALA A 437 -11.12 4.75 -24.50
C ALA A 437 -11.80 4.13 -25.73
N ILE A 438 -11.41 2.89 -26.05
CA ILE A 438 -11.95 2.19 -27.22
C ILE A 438 -13.44 1.87 -27.01
N LEU A 439 -13.77 1.29 -25.86
CA LEU A 439 -15.14 0.89 -25.53
C LEU A 439 -16.05 2.08 -25.33
N ALA A 440 -15.44 3.25 -25.12
CA ALA A 440 -16.15 4.51 -25.00
C ALA A 440 -16.46 5.05 -26.39
N HIS A 441 -15.45 5.01 -27.25
CA HIS A 441 -15.58 5.43 -28.62
C HIS A 441 -16.55 4.52 -29.40
N LYS A 442 -16.42 3.22 -29.21
CA LYS A 442 -17.26 2.24 -29.91
C LYS A 442 -18.67 2.11 -29.34
N GLY A 443 -18.87 2.63 -28.14
CA GLY A 443 -20.14 2.49 -27.41
C GLY A 443 -20.44 1.06 -27.00
N TRP A 444 -19.40 0.25 -26.81
CA TRP A 444 -19.56 -1.16 -26.42
C TRP A 444 -19.48 -1.41 -24.92
N THR A 445 -20.38 -2.32 -24.50
CA THR A 445 -20.35 -3.13 -23.29
C THR A 445 -19.24 -4.17 -23.41
N PRO A 446 -18.82 -4.77 -22.28
CA PRO A 446 -18.06 -6.01 -22.33
C PRO A 446 -18.71 -7.09 -23.19
N LYS A 447 -20.04 -7.20 -23.14
CA LYS A 447 -20.82 -8.21 -23.88
C LYS A 447 -20.70 -8.05 -25.40
N GLU A 448 -20.71 -6.80 -25.86
CA GLU A 448 -20.56 -6.48 -27.28
C GLU A 448 -19.12 -6.64 -27.75
N TRP A 449 -18.17 -6.51 -26.82
CA TRP A 449 -16.76 -6.78 -27.10
C TRP A 449 -16.57 -8.29 -27.31
N LEU A 450 -17.04 -9.10 -26.37
CA LEU A 450 -17.04 -10.56 -26.50
C LEU A 450 -17.74 -11.10 -27.76
N ALA A 451 -18.87 -10.49 -28.13
CA ALA A 451 -19.71 -10.92 -29.27
C ALA A 451 -19.07 -10.68 -30.65
N THR A 452 -17.98 -9.92 -30.67
CA THR A 452 -17.25 -9.55 -31.90
C THR A 452 -16.74 -10.77 -32.74
N TYR A 453 -16.51 -11.90 -32.07
CA TYR A 453 -16.25 -13.20 -32.68
C TYR A 453 -16.31 -14.26 -31.59
N THR A 454 -16.41 -15.52 -31.97
CA THR A 454 -16.44 -16.61 -30.99
C THR A 454 -15.15 -17.39 -31.05
N ASP A 455 -14.51 -17.56 -29.90
CA ASP A 455 -13.29 -18.35 -29.80
C ASP A 455 -13.60 -19.80 -30.10
N LEU A 456 -12.69 -20.47 -30.82
CA LEU A 456 -12.72 -21.90 -30.91
C LEU A 456 -12.46 -22.39 -29.51
N PRO A 457 -13.24 -23.39 -29.06
CA PRO A 457 -12.89 -24.08 -27.83
C PRO A 457 -11.47 -24.63 -27.94
N SER A 458 -10.71 -24.51 -26.86
CA SER A 458 -9.29 -24.77 -26.89
C SER A 458 -8.82 -25.34 -25.58
N ARG A 459 -7.66 -25.99 -25.60
CA ARG A 459 -7.11 -26.67 -24.43
C ARG A 459 -5.59 -26.54 -24.41
N LEU A 460 -5.05 -26.23 -23.24
CA LEU A 460 -3.63 -26.18 -23.02
C LEU A 460 -3.22 -27.22 -22.00
N VAL A 461 -2.19 -27.99 -22.32
CA VAL A 461 -1.76 -29.03 -21.42
C VAL A 461 -0.25 -28.94 -21.23
N ARG A 462 0.17 -29.27 -20.02
CA ARG A 462 1.57 -29.24 -19.61
C ARG A 462 1.99 -30.69 -19.62
N VAL A 463 3.02 -31.02 -20.40
CA VAL A 463 3.39 -32.42 -20.59
C VAL A 463 4.82 -32.64 -20.12
N GLU A 464 4.95 -33.18 -18.91
CA GLU A 464 6.25 -33.50 -18.36
C GLU A 464 6.87 -34.63 -19.16
N VAL A 465 8.07 -34.36 -19.67
CA VAL A 465 8.94 -35.34 -20.30
C VAL A 465 10.31 -35.22 -19.65
N ALA A 466 11.19 -36.16 -19.94
CA ALA A 466 12.61 -35.97 -19.70
C ALA A 466 13.34 -36.56 -20.91
N GLU A 467 14.04 -35.73 -21.68
CA GLU A 467 14.13 -34.28 -21.51
C GLU A 467 13.55 -33.51 -22.72
N ARG A 468 13.14 -32.27 -22.47
CA ARG A 468 12.40 -31.47 -23.44
C ARG A 468 13.25 -30.87 -24.59
N SER A 469 14.57 -30.91 -24.44
CA SER A 469 15.51 -30.36 -25.42
C SER A 469 15.46 -31.05 -26.79
N ILE A 470 14.92 -32.27 -26.85
CA ILE A 470 14.72 -32.98 -28.13
C ILE A 470 13.56 -32.39 -28.96
N PHE A 471 12.72 -31.57 -28.33
CA PHE A 471 11.62 -30.87 -28.99
C PHE A 471 12.12 -29.52 -29.53
N LYS A 472 12.41 -29.52 -30.83
CA LYS A 472 13.06 -28.41 -31.51
C LYS A 472 12.06 -27.96 -32.54
N ALA A 473 11.63 -26.70 -32.47
CA ALA A 473 10.58 -26.21 -33.36
C ALA A 473 11.03 -25.10 -34.33
N TYR A 474 10.19 -24.87 -35.36
CA TYR A 474 10.42 -23.85 -36.39
C TYR A 474 9.05 -23.37 -36.88
N ASP A 475 9.05 -22.39 -37.80
CA ASP A 475 7.84 -21.77 -38.40
C ASP A 475 6.93 -21.13 -37.31
N ALA A 476 7.53 -20.20 -36.54
CA ALA A 476 6.91 -19.57 -35.36
C ALA A 476 6.47 -20.59 -34.30
N GLU A 477 7.34 -21.58 -34.08
CA GLU A 477 7.12 -22.68 -33.14
C GLU A 477 5.90 -23.57 -33.43
N ARG A 478 5.34 -23.45 -34.64
CA ARG A 478 4.15 -24.19 -35.02
C ARG A 478 4.47 -25.54 -35.68
N LYS A 479 5.76 -25.86 -35.79
CA LYS A 479 6.19 -27.13 -36.37
C LYS A 479 7.40 -27.64 -35.64
N LEU A 480 7.39 -28.95 -35.39
CA LEU A 480 8.50 -29.67 -34.78
C LEU A 480 9.36 -30.35 -35.86
N GLU A 481 10.64 -29.97 -35.89
CA GLU A 481 11.63 -30.69 -36.71
C GLU A 481 12.08 -31.95 -35.96
N SER A 482 12.08 -31.89 -34.63
CA SER A 482 12.55 -32.96 -33.78
C SER A 482 11.63 -33.08 -32.55
N PRO A 483 11.31 -34.29 -32.03
CA PRO A 483 11.77 -35.62 -32.53
C PRO A 483 11.11 -36.08 -33.83
N PRO A 484 11.80 -36.97 -34.60
CA PRO A 484 11.30 -37.34 -35.92
C PRO A 484 9.93 -38.03 -35.86
N GLY A 485 9.05 -37.69 -36.80
CA GLY A 485 7.72 -38.32 -36.87
C GLY A 485 6.59 -37.69 -36.08
N LEU A 486 6.92 -36.93 -35.02
CA LEU A 486 5.90 -36.36 -34.12
C LEU A 486 4.97 -35.34 -34.80
N GLN A 487 5.56 -34.42 -35.58
CA GLN A 487 4.79 -33.44 -36.36
C GLN A 487 3.86 -34.11 -37.37
N ALA A 488 4.36 -35.18 -38.00
CA ALA A 488 3.55 -35.95 -38.95
C ALA A 488 2.29 -36.47 -38.24
N LYS A 489 2.47 -37.06 -37.05
CA LYS A 489 1.33 -37.48 -36.22
C LYS A 489 0.45 -36.30 -35.80
N ILE A 490 1.06 -35.20 -35.34
CA ILE A 490 0.29 -33.99 -34.95
C ILE A 490 -0.57 -33.46 -36.12
N ASP A 491 0.02 -33.36 -37.31
CA ASP A 491 -0.71 -32.99 -38.54
C ASP A 491 -1.84 -33.97 -38.84
N SER A 492 -1.53 -35.25 -38.69
CA SER A 492 -2.50 -36.30 -38.98
C SER A 492 -3.67 -36.21 -38.02
N LEU A 493 -3.35 -36.03 -36.73
CA LEU A 493 -4.34 -35.91 -35.67
C LEU A 493 -5.26 -34.72 -35.81
N GLN A 494 -4.70 -33.55 -36.06
CA GLN A 494 -5.50 -32.31 -36.13
C GLN A 494 -6.54 -32.32 -37.24
N SER A 495 -6.21 -33.03 -38.34
CA SER A 495 -7.07 -33.19 -39.54
C SER A 495 -8.38 -33.89 -39.23
N ARG A 496 -8.33 -34.75 -38.21
CA ARG A 496 -9.48 -35.57 -37.84
C ARG A 496 -10.60 -34.76 -37.16
N TYR A 497 -10.36 -33.47 -36.92
CA TYR A 497 -11.33 -32.60 -36.23
C TYR A 497 -11.62 -31.33 -37.02
N ASN A 498 -12.87 -30.88 -36.97
CA ASN A 498 -13.33 -29.64 -37.63
C ASN A 498 -12.58 -28.43 -37.05
N LYS A 499 -11.92 -27.67 -37.92
CA LYS A 499 -11.07 -26.53 -37.50
C LYS A 499 -9.97 -26.96 -36.49
N GLY A 500 -9.57 -28.22 -36.59
CA GLY A 500 -8.60 -28.79 -35.68
C GLY A 500 -7.27 -28.11 -35.86
N ARG A 501 -6.72 -27.57 -34.78
CA ARG A 501 -5.35 -27.05 -34.78
C ARG A 501 -4.64 -27.35 -33.46
N SER A 502 -3.45 -27.94 -33.57
CA SER A 502 -2.68 -28.30 -32.41
C SER A 502 -1.18 -28.20 -32.69
N PHE A 503 -0.42 -27.77 -31.69
CA PHE A 503 1.04 -27.69 -31.82
C PHE A 503 1.67 -27.91 -30.45
N ALA A 504 2.90 -28.41 -30.46
CA ALA A 504 3.62 -28.71 -29.23
C ALA A 504 5.02 -28.10 -29.26
N ARG A 505 5.41 -27.49 -28.15
CA ARG A 505 6.74 -26.88 -28.03
C ARG A 505 7.26 -27.02 -26.63
N ALA A 506 8.59 -27.12 -26.52
CA ALA A 506 9.26 -27.07 -25.21
C ALA A 506 8.98 -25.72 -24.57
N SER A 507 8.71 -25.74 -23.27
CA SER A 507 8.64 -24.52 -22.48
C SER A 507 10.03 -23.97 -22.28
N GLY A 508 10.15 -22.64 -22.35
CA GLY A 508 11.38 -21.94 -21.93
C GLY A 508 11.48 -21.76 -20.41
N THR A 509 10.33 -21.62 -19.75
CA THR A 509 10.30 -21.26 -18.32
C THR A 509 10.03 -22.41 -17.33
N GLU A 510 9.59 -23.57 -17.85
CA GLU A 510 9.13 -24.74 -17.07
C GLU A 510 9.79 -25.99 -17.67
N ASP A 511 9.86 -27.08 -16.90
CA ASP A 511 10.46 -28.35 -17.39
C ASP A 511 9.43 -29.34 -17.97
N ALA A 512 8.91 -28.98 -19.15
CA ALA A 512 7.83 -29.70 -19.82
C ALA A 512 7.68 -29.21 -21.26
N VAL A 513 7.05 -30.02 -22.11
CA VAL A 513 6.52 -29.50 -23.38
C VAL A 513 5.06 -29.09 -23.20
N ARG A 514 4.68 -28.02 -23.88
CA ARG A 514 3.32 -27.55 -23.86
C ARG A 514 2.63 -27.99 -25.14
N VAL A 515 1.39 -28.48 -24.98
CA VAL A 515 0.48 -28.79 -26.08
C VAL A 515 -0.67 -27.80 -26.01
N TYR A 516 -0.96 -27.19 -27.15
CA TYR A 516 -2.18 -26.43 -27.32
C TYR A 516 -2.99 -27.09 -28.42
N ALA A 517 -4.32 -27.12 -28.24
CA ALA A 517 -5.22 -27.55 -29.28
C ALA A 517 -6.52 -26.78 -29.28
N GLU A 518 -7.07 -26.60 -30.47
CA GLU A 518 -8.36 -25.97 -30.64
C GLU A 518 -9.11 -26.73 -31.73
N ALA A 519 -10.44 -26.73 -31.60
CA ALA A 519 -11.32 -27.32 -32.61
C ALA A 519 -12.66 -26.61 -32.54
N ALA A 520 -13.58 -26.98 -33.44
CA ALA A 520 -14.93 -26.36 -33.52
C ALA A 520 -15.84 -26.63 -32.32
N SER A 521 -15.51 -27.64 -31.51
CA SER A 521 -16.29 -28.05 -30.35
C SER A 521 -15.40 -28.44 -29.16
N ARG A 522 -16.01 -28.43 -27.99
CA ARG A 522 -15.34 -28.65 -26.72
C ARG A 522 -14.72 -30.04 -26.58
N SER A 523 -15.52 -31.06 -26.89
CA SER A 523 -15.07 -32.45 -26.82
C SER A 523 -13.99 -32.76 -27.88
N GLU A 524 -14.11 -32.15 -29.05
CA GLU A 524 -13.12 -32.28 -30.12
C GLU A 524 -11.74 -31.73 -29.73
N ALA A 525 -11.73 -30.50 -29.20
CA ALA A 525 -10.52 -29.83 -28.74
C ALA A 525 -9.82 -30.64 -27.65
N ASP A 526 -10.62 -31.07 -26.66
CA ASP A 526 -10.18 -31.92 -25.55
C ASP A 526 -9.53 -33.22 -25.99
N ASP A 527 -10.20 -33.93 -26.91
CA ASP A 527 -9.70 -35.19 -27.41
C ASP A 527 -8.44 -34.96 -28.28
N LEU A 528 -8.49 -33.97 -29.17
CA LEU A 528 -7.29 -33.58 -29.91
C LEU A 528 -6.10 -33.27 -28.99
N ALA A 529 -6.34 -32.48 -27.95
CA ALA A 529 -5.28 -32.14 -26.99
C ALA A 529 -4.69 -33.35 -26.30
N THR A 530 -5.54 -34.29 -25.91
CA THR A 530 -5.13 -35.51 -25.21
C THR A 530 -4.33 -36.43 -26.14
N ARG A 531 -4.82 -36.65 -27.36
CA ARG A 531 -4.10 -37.49 -28.34
C ARG A 531 -2.68 -36.96 -28.59
N VAL A 532 -2.57 -35.66 -28.86
CA VAL A 532 -1.27 -34.99 -29.02
C VAL A 532 -0.41 -35.09 -27.74
N ALA A 533 -1.02 -34.83 -26.59
CA ALA A 533 -0.30 -34.96 -25.32
C ALA A 533 0.27 -36.38 -25.17
N ASN A 534 -0.58 -37.38 -25.44
CA ASN A 534 -0.16 -38.79 -25.41
C ASN A 534 1.00 -39.04 -26.38
N ALA A 535 0.85 -38.56 -27.62
CA ALA A 535 1.90 -38.67 -28.64
C ALA A 535 3.22 -38.03 -28.20
N VAL A 536 3.13 -36.92 -27.48
CA VAL A 536 4.31 -36.19 -26.96
C VAL A 536 5.04 -36.96 -25.85
N ARG A 537 4.26 -37.47 -24.89
CA ARG A 537 4.76 -38.42 -23.87
C ARG A 537 5.50 -39.65 -24.44
N ASP A 538 4.92 -40.28 -25.46
CA ASP A 538 5.54 -41.42 -26.12
C ASP A 538 6.87 -40.97 -26.75
N ALA A 539 6.83 -39.88 -27.49
CA ALA A 539 8.02 -39.29 -28.11
C ALA A 539 9.05 -38.76 -27.09
N GLY A 540 8.61 -38.51 -25.86
CA GLY A 540 9.50 -38.10 -24.77
C GLY A 540 9.93 -39.24 -23.86
N THR A 541 10.12 -40.42 -24.44
CA THR A 541 10.61 -41.61 -23.71
C THR A 541 11.95 -42.13 -24.26
N SER B 3 10.97 -24.51 36.11
CA SER B 3 11.23 -25.88 35.53
C SER B 3 12.48 -25.90 34.64
N PRO B 4 13.13 -27.08 34.48
CA PRO B 4 14.35 -27.17 33.63
C PRO B 4 14.10 -27.30 32.11
N ALA B 5 12.86 -27.57 31.70
CA ALA B 5 12.53 -27.73 30.27
C ALA B 5 12.41 -26.40 29.54
N ARG B 7 13.58 -23.45 30.02
CA ARG B 7 14.89 -22.93 30.45
C ARG B 7 16.00 -23.36 29.49
N LYS B 8 15.91 -24.61 29.01
CA LYS B 8 16.77 -25.14 27.95
C LYS B 8 16.46 -24.40 26.65
N ALA B 9 15.21 -24.54 26.18
CA ALA B 9 14.78 -24.04 24.88
C ALA B 9 14.75 -22.51 24.76
N ILE B 10 14.50 -21.83 25.88
CA ILE B 10 14.55 -20.36 25.94
C ILE B 10 15.95 -19.83 25.64
N SER B 11 16.96 -20.37 26.34
CA SER B 11 18.38 -20.05 26.11
C SER B 11 18.86 -20.42 24.70
N ASP B 12 18.41 -21.58 24.21
CA ASP B 12 18.76 -22.06 22.86
C ASP B 12 18.30 -21.10 21.75
N ALA B 13 17.01 -20.76 21.76
CA ALA B 13 16.41 -19.85 20.78
C ALA B 13 16.98 -18.44 20.90
N ALA B 14 17.30 -18.04 22.13
CA ALA B 14 17.93 -16.74 22.42
C ALA B 14 19.28 -16.60 21.73
N LEU B 15 20.15 -17.60 21.92
CA LEU B 15 21.48 -17.64 21.28
C LEU B 15 21.38 -17.52 19.76
N GLN B 16 20.33 -18.09 19.17
CA GLN B 16 20.04 -17.99 17.74
C GLN B 16 19.64 -16.59 17.25
N TYR B 17 18.64 -15.97 17.89
CA TYR B 17 18.03 -14.73 17.38
C TYR B 17 18.51 -13.42 18.06
N LEU B 39 18.00 -4.42 20.16
CA LEU B 39 16.57 -4.36 19.82
C LEU B 39 15.94 -5.71 19.43
N ASN B 40 16.68 -6.56 18.73
CA ASN B 40 16.26 -7.95 18.54
C ASN B 40 16.17 -8.65 19.90
N THR B 41 17.08 -8.28 20.81
CA THR B 41 17.06 -8.72 22.21
C THR B 41 15.84 -8.19 22.96
N VAL B 42 15.41 -6.96 22.67
CA VAL B 42 14.24 -6.35 23.32
C VAL B 42 12.95 -7.11 22.94
N VAL B 43 12.78 -7.38 21.65
CA VAL B 43 11.61 -8.09 21.12
C VAL B 43 11.53 -9.52 21.65
N TYR B 44 12.67 -10.20 21.63
CA TYR B 44 12.79 -11.51 22.20
C TYR B 44 12.44 -11.52 23.71
N ALA B 45 13.03 -10.58 24.48
CA ALA B 45 12.65 -10.36 25.90
C ALA B 45 11.13 -10.18 26.11
N VAL B 46 10.49 -9.43 25.20
CA VAL B 46 9.07 -9.10 25.32
C VAL B 46 8.20 -10.32 25.03
N GLY B 47 8.64 -11.14 24.08
CA GLY B 47 8.03 -12.46 23.86
C GLY B 47 7.98 -13.29 25.13
N LEU B 48 9.13 -13.43 25.80
CA LEU B 48 9.18 -14.19 27.07
C LEU B 48 8.27 -13.56 28.13
N LEU B 49 8.30 -12.23 28.21
CA LEU B 49 7.57 -11.48 29.20
C LEU B 49 6.04 -11.63 28.98
N ALA B 50 5.63 -11.66 27.70
CA ALA B 50 4.25 -11.89 27.31
C ALA B 50 3.73 -13.25 27.81
N THR B 51 4.54 -14.29 27.65
CA THR B 51 4.16 -15.62 28.12
C THR B 51 4.05 -15.62 29.65
N LEU B 52 5.00 -14.96 30.31
CA LEU B 52 4.95 -14.81 31.77
C LEU B 52 3.73 -14.01 32.24
N ARG B 53 3.37 -12.96 31.49
CA ARG B 53 2.19 -12.14 31.77
C ARG B 53 0.88 -12.92 31.59
N SER B 54 0.81 -13.72 30.53
CA SER B 54 -0.35 -14.56 30.24
C SER B 54 -0.55 -15.57 31.38
N LYS B 55 0.52 -16.32 31.66
CA LYS B 55 0.51 -17.32 32.72
C LYS B 55 0.19 -16.71 34.08
N LYS B 56 0.75 -15.53 34.39
CA LYS B 56 0.37 -14.83 35.62
C LYS B 56 -1.15 -14.71 35.65
N LEU B 57 -1.73 -14.07 34.62
CA LEU B 57 -3.15 -13.73 34.59
C LEU B 57 -4.07 -14.82 34.03
N SER B 58 -3.98 -16.01 34.62
CA SER B 58 -4.89 -17.15 34.37
C SER B 58 -4.88 -17.69 32.94
N GLY B 59 -3.81 -17.42 32.20
CA GLY B 59 -3.68 -17.92 30.83
C GLY B 59 -4.53 -17.16 29.82
N GLN B 60 -4.95 -15.96 30.22
CA GLN B 60 -5.61 -15.05 29.29
C GLN B 60 -4.69 -14.65 28.14
N TRP B 61 -5.29 -14.32 27.01
CA TRP B 61 -4.57 -13.74 25.88
C TRP B 61 -3.90 -12.41 26.22
N ILE B 62 -2.64 -12.27 25.78
CA ILE B 62 -1.85 -11.03 25.95
C ILE B 62 -1.42 -10.57 24.57
N GLY B 63 -1.45 -9.26 24.34
CA GLY B 63 -1.05 -8.71 23.03
C GLY B 63 0.37 -8.18 22.96
N VAL B 64 1.02 -8.41 21.81
CA VAL B 64 2.29 -7.76 21.53
C VAL B 64 2.08 -6.94 20.25
N MET B 65 2.39 -5.65 20.32
CA MET B 65 2.26 -4.72 19.20
C MET B 65 3.63 -4.19 18.82
N VAL B 66 4.04 -4.46 17.58
CA VAL B 66 5.30 -3.94 17.03
C VAL B 66 4.98 -2.70 16.19
N THR B 67 5.45 -1.55 16.65
CA THR B 67 5.22 -0.25 16.00
C THR B 67 6.54 0.46 15.69
N ALA B 68 6.46 1.67 15.13
CA ALA B 68 7.63 2.53 14.89
C ALA B 68 7.59 3.78 15.78
N ASN B 76 11.73 2.40 20.68
CA ASN B 76 11.34 1.09 21.19
C ASN B 76 10.28 0.39 20.31
N GLY B 77 9.02 0.79 20.45
CA GLY B 77 7.89 0.32 19.65
C GLY B 77 7.48 -1.14 19.76
N VAL B 78 7.83 -1.80 20.87
CA VAL B 78 7.27 -3.12 21.16
C VAL B 78 6.49 -3.00 22.47
N LYS B 79 5.18 -2.96 22.33
CA LYS B 79 4.30 -2.73 23.46
C LYS B 79 3.60 -4.03 23.88
N LEU B 80 3.38 -4.15 25.18
CA LEU B 80 2.63 -5.28 25.73
C LEU B 80 1.20 -4.84 26.07
N VAL B 81 0.23 -5.73 25.80
CA VAL B 81 -1.21 -5.46 25.96
C VAL B 81 -1.88 -6.44 26.94
N ASP B 82 -2.44 -5.90 28.03
CA ASP B 82 -3.14 -6.65 29.08
C ASP B 82 -4.50 -7.21 28.57
N PRO B 83 -5.14 -8.17 29.30
CA PRO B 83 -6.22 -8.94 28.66
C PRO B 83 -7.48 -8.18 28.29
N MET B 84 -7.80 -7.12 29.04
CA MET B 84 -8.92 -6.20 28.71
C MET B 84 -8.54 -5.01 27.78
N GLY B 85 -7.32 -5.10 27.23
CA GLY B 85 -6.78 -4.17 26.25
C GLY B 85 -5.98 -3.01 26.82
N GLU B 86 -5.59 -3.09 28.08
CA GLU B 86 -4.90 -1.96 28.69
C GLU B 86 -3.40 -1.98 28.44
N MET B 87 -2.84 -0.79 28.30
CA MET B 87 -1.40 -0.60 28.13
C MET B 87 -0.71 -1.04 29.42
N LEU B 88 0.31 -1.88 29.28
CA LEU B 88 1.12 -2.28 30.42
C LEU B 88 2.59 -1.87 30.21
N TRP B 92 6.20 -3.69 35.80
CA TRP B 92 6.58 -4.78 34.90
C TRP B 92 7.54 -4.32 33.82
N GLU B 93 7.49 -3.03 33.51
CA GLU B 93 8.38 -2.39 32.54
C GLU B 93 9.86 -2.58 32.86
N ALA B 94 10.20 -2.54 34.15
CA ALA B 94 11.56 -2.79 34.62
C ALA B 94 11.99 -4.26 34.49
N TYR B 95 11.03 -5.18 34.56
CA TYR B 95 11.28 -6.63 34.46
C TYR B 95 11.70 -7.06 33.06
N ALA B 96 11.16 -6.38 32.04
CA ALA B 96 11.58 -6.54 30.65
C ALA B 96 13.05 -6.19 30.47
N THR B 97 13.43 -5.05 31.05
CA THR B 97 14.80 -4.51 30.95
C THR B 97 15.84 -5.36 31.67
N LYS B 98 15.43 -5.99 32.79
CA LYS B 98 16.27 -6.98 33.49
C LYS B 98 16.53 -8.25 32.64
N LEU B 99 15.58 -8.59 31.77
CA LEU B 99 15.65 -9.77 30.91
C LEU B 99 16.44 -9.52 29.61
N ALA B 100 16.27 -8.34 29.04
CA ALA B 100 17.03 -7.92 27.85
C ALA B 100 18.51 -7.73 28.16
N ASN B 101 18.82 -7.16 29.33
CA ASN B 101 20.20 -6.97 29.79
C ASN B 101 20.87 -8.26 30.21
N ALA B 102 20.08 -9.28 30.56
CA ALA B 102 20.60 -10.59 30.94
C ALA B 102 21.40 -11.24 29.80
N PRO B 103 22.60 -11.77 30.10
CA PRO B 103 23.45 -12.45 29.10
C PRO B 103 22.69 -13.56 28.35
N LEU B 104 22.90 -13.63 27.03
CA LEU B 104 22.17 -14.57 26.17
C LEU B 104 22.31 -16.06 26.52
N GLU B 105 23.35 -16.41 27.29
CA GLU B 105 23.63 -17.78 27.71
C GLU B 105 23.24 -17.99 29.17
N ASP B 109 17.03 -19.46 29.55
CA ASP B 109 17.57 -18.34 30.31
C ASP B 109 17.30 -18.43 31.81
N VAL B 110 17.83 -17.46 32.55
CA VAL B 110 17.40 -17.18 33.92
C VAL B 110 16.12 -16.31 33.84
N TYR B 111 15.14 -16.92 33.17
CA TYR B 111 13.77 -16.49 33.03
C TYR B 111 13.04 -17.08 34.23
N ASP B 112 13.64 -18.14 34.78
CA ASP B 112 13.28 -18.77 36.06
C ASP B 112 13.30 -17.81 37.25
N GLU B 113 14.38 -17.02 37.38
CA GLU B 113 14.50 -16.00 38.44
C GLU B 113 13.36 -14.96 38.45
N LEU B 114 12.62 -14.90 37.32
CA LEU B 114 11.40 -14.08 37.20
C LEU B 114 10.11 -14.84 37.52
N VAL B 115 10.09 -16.13 37.17
CA VAL B 115 9.00 -17.04 37.57
C VAL B 115 8.85 -16.93 39.09
N LYS B 116 9.93 -17.27 39.81
CA LYS B 116 9.97 -17.17 41.27
C LYS B 116 9.74 -15.75 41.82
N GLU B 117 10.28 -14.71 41.16
CA GLU B 117 10.06 -13.31 41.60
C GLU B 117 8.67 -12.78 41.27
N ASP B 119 4.62 -14.30 40.56
CA ASP B 119 4.28 -15.61 41.11
C ASP B 119 4.29 -16.72 40.05
N VAL B 120 3.32 -16.71 39.11
CA VAL B 120 3.25 -17.56 37.88
C VAL B 120 2.95 -19.06 38.11
N SER B 121 2.23 -19.68 37.17
CA SER B 121 1.97 -21.14 37.18
C SER B 121 2.76 -21.88 36.09
N MET B 122 2.23 -23.03 35.63
CA MET B 122 2.67 -23.74 34.41
C MET B 122 1.61 -24.71 33.89
N ASN B 124 -0.76 -21.99 32.77
CA ASN B 124 -1.44 -22.53 31.58
C ASN B 124 -0.51 -22.62 30.37
N PRO B 125 -0.99 -23.24 29.24
CA PRO B 125 -0.33 -22.93 27.96
C PRO B 125 -0.60 -21.46 27.58
N ALA B 126 0.38 -20.59 27.87
CA ALA B 126 0.32 -19.14 27.63
C ALA B 126 -0.24 -18.79 26.25
N ARG B 127 -0.99 -17.69 26.17
CA ARG B 127 -1.70 -17.31 24.92
C ARG B 127 -1.41 -15.87 24.48
N VAL B 128 -0.88 -15.70 23.27
CA VAL B 128 -0.41 -14.36 22.83
C VAL B 128 -0.81 -14.04 21.39
N VAL B 129 -1.40 -12.86 21.19
CA VAL B 129 -1.66 -12.32 19.84
C VAL B 129 -0.77 -11.12 19.57
N PHE B 130 -0.29 -11.04 18.34
CA PHE B 130 0.57 -9.95 17.98
C PHE B 130 0.22 -9.40 16.61
N ALA B 131 0.51 -8.10 16.45
CA ALA B 131 0.38 -7.44 15.17
C ALA B 131 1.53 -6.46 15.05
N ARG B 132 1.65 -5.89 13.86
CA ARG B 132 2.62 -4.83 13.57
C ARG B 132 2.00 -3.75 12.68
N ASP B 133 2.66 -2.58 12.60
CA ASP B 133 2.28 -1.49 11.69
C ASP B 133 3.15 -1.53 10.42
N THR B 134 3.52 -0.39 9.83
CA THR B 134 4.31 -0.43 8.58
C THR B 134 5.83 -0.58 8.76
N ARG B 135 6.29 -0.58 10.02
CA ARG B 135 7.72 -0.65 10.37
C ARG B 135 8.50 -1.58 9.43
N ALA B 136 9.58 -1.05 8.86
CA ALA B 136 10.43 -1.78 7.89
C ALA B 136 11.02 -3.07 8.45
N SER B 137 11.49 -3.03 9.69
CA SER B 137 12.10 -4.18 10.37
C SER B 137 11.10 -5.29 10.71
N GLY B 138 9.81 -4.96 10.53
CA GLY B 138 8.66 -5.76 10.96
C GLY B 138 8.72 -7.27 10.90
N SER B 139 8.88 -7.83 9.70
CA SER B 139 8.84 -9.29 9.53
C SER B 139 10.04 -9.99 10.19
N ARG B 140 11.18 -9.30 10.23
CA ARG B 140 12.36 -9.79 10.95
C ARG B 140 12.04 -9.89 12.45
N LEU B 141 11.54 -8.79 13.01
CA LEU B 141 11.14 -8.73 14.43
C LEU B 141 10.00 -9.69 14.79
N ILE B 142 9.11 -9.95 13.83
CA ILE B 142 8.07 -10.97 14.00
C ILE B 142 8.71 -12.34 14.19
N GLY B 143 9.74 -12.62 13.41
CA GLY B 143 10.52 -13.85 13.50
C GLY B 143 11.04 -14.10 14.90
N VAL B 144 11.77 -13.12 15.44
CA VAL B 144 12.38 -13.25 16.78
C VAL B 144 11.32 -13.37 17.87
N LEU B 145 10.17 -12.71 17.65
CA LEU B 145 9.04 -12.81 18.57
C LEU B 145 8.51 -14.23 18.61
N SER B 146 8.36 -14.86 17.44
CA SER B 146 7.83 -16.23 17.33
C SER B 146 8.76 -17.24 17.99
N ALA B 147 10.05 -17.09 17.72
CA ALA B 147 11.13 -17.86 18.32
C ALA B 147 10.99 -17.99 19.82
N ALA B 148 10.75 -16.88 20.51
CA ALA B 148 10.59 -16.87 21.96
C ALA B 148 9.28 -17.52 22.38
N LEU B 149 8.22 -17.30 21.60
CA LEU B 149 6.92 -17.91 21.88
C LEU B 149 6.89 -19.42 21.56
N THR B 150 7.78 -19.89 20.69
CA THR B 150 7.98 -21.32 20.49
C THR B 150 8.84 -21.90 21.63
N ALA B 151 9.89 -21.17 22.01
CA ALA B 151 10.80 -21.55 23.10
C ALA B 151 10.06 -21.79 24.42
N THR B 152 9.18 -20.87 24.80
CA THR B 152 8.18 -21.12 25.83
C THR B 152 7.04 -21.88 25.14
N GLU B 153 6.32 -22.72 25.88
CA GLU B 153 5.31 -23.56 25.23
C GLU B 153 3.97 -22.79 25.08
N ALA B 154 4.04 -21.66 24.40
CA ALA B 154 2.91 -20.74 24.28
C ALA B 154 2.19 -20.90 22.95
N GLU B 155 0.87 -20.71 22.99
CA GLU B 155 0.05 -20.66 21.78
C GLU B 155 -0.04 -19.19 21.30
N PHE B 156 0.07 -18.99 19.98
CA PHE B 156 0.03 -17.64 19.43
C PHE B 156 -0.75 -17.45 18.12
N ILE B 157 -1.22 -16.22 17.89
CA ILE B 157 -1.85 -15.88 16.62
C ILE B 157 -1.18 -14.65 16.02
N ASP B 158 -0.74 -14.80 14.79
CA ASP B 158 -0.21 -13.69 14.00
C ASP B 158 -1.37 -12.96 13.32
N MET B 159 -1.76 -11.82 13.90
CA MET B 159 -2.76 -10.93 13.30
C MET B 159 -2.23 -10.08 12.16
N LYS B 160 -0.94 -10.25 11.81
CA LYS B 160 -0.33 -9.56 10.68
C LYS B 160 -0.24 -8.01 10.82
N PHE B 161 -0.94 -7.27 9.97
CA PHE B 161 -0.91 -5.80 9.98
C PHE B 161 -2.22 -5.24 10.50
N MET B 162 -2.11 -4.38 11.53
CA MET B 162 -3.22 -3.74 12.21
C MET B 162 -2.81 -2.40 12.79
N THR B 163 -3.80 -1.56 13.09
CA THR B 163 -3.55 -0.34 13.86
C THR B 163 -3.38 -0.78 15.30
N THR B 164 -2.70 0.03 16.12
CA THR B 164 -2.59 -0.27 17.55
C THR B 164 -3.97 -0.53 18.19
N PRO B 165 -4.95 0.38 18.02
CA PRO B 165 -6.29 0.12 18.60
C PRO B 165 -6.98 -1.18 18.13
N GLN B 166 -6.70 -1.65 16.91
CA GLN B 166 -7.26 -2.91 16.44
C GLN B 166 -6.72 -4.08 17.23
N LEU B 167 -5.40 -4.09 17.46
CA LEU B 167 -4.76 -5.14 18.23
C LEU B 167 -5.32 -5.12 19.68
N HIS B 168 -5.46 -3.94 20.27
CA HIS B 168 -6.08 -3.84 21.59
C HIS B 168 -7.47 -4.42 21.59
N TYR B 169 -8.21 -4.15 20.52
CA TYR B 169 -9.58 -4.64 20.41
C TYR B 169 -9.60 -6.16 20.42
N VAL B 170 -8.74 -6.78 19.61
CA VAL B 170 -8.79 -8.25 19.45
C VAL B 170 -8.42 -8.97 20.73
N VAL B 171 -7.52 -8.38 21.52
CA VAL B 171 -7.11 -8.90 22.81
C VAL B 171 -8.35 -8.92 23.72
N ARG B 172 -8.92 -7.74 23.93
CA ARG B 172 -10.13 -7.56 24.75
C ARG B 172 -11.27 -8.50 24.32
N CYS B 173 -11.46 -8.67 23.00
CA CYS B 173 -12.49 -9.60 22.46
C CYS B 173 -12.30 -11.06 22.88
N LYS B 174 -11.07 -11.57 22.71
CA LYS B 174 -10.68 -12.96 23.04
C LYS B 174 -10.89 -13.28 24.53
N ASN B 175 -10.55 -12.34 25.40
CA ASN B 175 -10.72 -12.56 26.83
C ASN B 175 -12.12 -12.29 27.38
N THR B 176 -13.01 -11.74 26.55
CA THR B 176 -14.37 -11.40 26.97
C THR B 176 -15.48 -12.19 26.26
N LEU B 177 -15.13 -12.98 25.24
CA LEU B 177 -16.09 -13.91 24.62
C LEU B 177 -16.69 -14.84 25.69
N GLY B 178 -18.01 -14.99 25.64
CA GLY B 178 -18.73 -15.83 26.59
C GLY B 178 -19.06 -15.16 27.91
N THR B 179 -18.60 -13.93 28.11
CA THR B 179 -18.91 -13.16 29.33
C THR B 179 -20.07 -12.18 29.09
N GLN B 180 -20.50 -11.47 30.13
CA GLN B 180 -21.44 -10.35 29.98
C GLN B 180 -20.80 -9.12 29.33
N TYR B 181 -19.48 -9.08 29.23
CA TYR B 181 -18.79 -7.98 28.59
C TYR B 181 -18.22 -8.35 27.23
N GLU B 182 -18.88 -9.29 26.53
CA GLU B 182 -18.49 -9.72 25.18
C GLU B 182 -18.29 -8.52 24.25
N TYR B 183 -17.05 -8.32 23.79
CA TYR B 183 -16.68 -7.09 23.10
C TYR B 183 -16.78 -7.14 21.56
N GLY B 184 -16.95 -8.34 21.02
CA GLY B 184 -17.13 -8.54 19.59
C GLY B 184 -16.32 -9.72 19.11
N GLU B 185 -16.24 -9.86 17.80
CA GLU B 185 -15.49 -10.89 17.10
C GLU B 185 -14.00 -10.50 17.06
N PRO B 186 -13.10 -11.41 17.47
CA PRO B 186 -11.68 -11.06 17.64
C PRO B 186 -10.89 -11.15 16.34
N THR B 187 -11.39 -10.48 15.31
CA THR B 187 -10.74 -10.40 14.01
C THR B 187 -10.75 -8.94 13.52
N GLU B 188 -9.91 -8.64 12.55
CA GLU B 188 -9.88 -7.35 11.91
C GLU B 188 -11.27 -7.08 11.30
N GLN B 189 -11.81 -8.10 10.64
CA GLN B 189 -13.15 -8.06 10.08
C GLN B 189 -14.21 -7.73 11.14
N GLY B 190 -14.13 -8.38 12.30
CA GLY B 190 -15.02 -8.10 13.41
C GLY B 190 -14.96 -6.66 13.88
N TYR B 191 -13.74 -6.14 13.96
CA TYR B 191 -13.49 -4.73 14.25
C TYR B 191 -14.31 -3.82 13.34
N TYR B 192 -14.15 -3.99 12.04
CA TYR B 192 -14.89 -3.18 11.09
C TYR B 192 -16.40 -3.33 11.23
N GLU B 193 -16.87 -4.56 11.47
CA GLU B 193 -18.31 -4.82 11.58
C GLU B 193 -18.92 -4.10 12.79
N LYS B 194 -18.22 -4.14 13.91
CA LYS B 194 -18.70 -3.46 15.11
C LYS B 194 -18.82 -1.96 14.88
N LEU B 195 -17.73 -1.33 14.40
CA LEU B 195 -17.73 0.11 14.14
C LEU B 195 -18.80 0.51 13.15
N ALA B 196 -18.91 -0.22 12.04
CA ALA B 196 -19.93 0.01 10.99
C ALA B 196 -21.33 0.03 11.54
N ALA B 197 -21.68 -1.03 12.26
CA ALA B 197 -23.03 -1.21 12.82
C ALA B 197 -23.34 -0.18 13.88
N ALA B 198 -22.31 0.26 14.61
CA ALA B 198 -22.51 1.22 15.68
C ALA B 198 -22.68 2.61 15.04
N PHE B 199 -21.91 2.87 13.98
CA PHE B 199 -21.98 4.13 13.23
C PHE B 199 -23.33 4.22 12.53
N LYS B 200 -23.80 3.13 11.94
CA LYS B 200 -25.17 3.10 11.38
C LYS B 200 -26.22 3.56 12.39
N ARG B 201 -26.17 2.95 13.59
CA ARG B 201 -27.14 3.22 14.66
C ARG B 201 -27.03 4.62 15.17
N VAL B 202 -25.82 5.12 15.40
CA VAL B 202 -25.61 6.49 15.91
C VAL B 202 -26.11 7.54 14.91
N MET B 203 -26.03 7.23 13.60
CA MET B 203 -26.31 8.20 12.54
C MET B 203 -27.79 8.29 12.13
N ARG B 204 -28.61 7.42 12.73
CA ARG B 204 -30.05 7.33 12.52
C ARG B 204 -30.73 8.72 12.51
N GLY B 205 -31.16 9.15 11.32
CA GLY B 205 -31.95 10.37 11.19
C GLY B 205 -31.18 11.67 11.09
N VAL B 206 -29.87 11.55 10.85
CA VAL B 206 -29.00 12.70 10.52
C VAL B 206 -28.03 12.32 9.40
N LYS B 207 -27.41 13.33 8.80
CA LYS B 207 -26.40 13.13 7.77
C LYS B 207 -25.24 14.05 8.00
N VAL B 208 -24.06 13.55 7.67
CA VAL B 208 -22.84 14.32 7.61
C VAL B 208 -22.92 15.29 6.44
N LYS B 209 -22.44 16.52 6.66
CA LYS B 209 -22.33 17.51 5.60
C LYS B 209 -20.88 17.88 5.29
N GLY B 210 -20.55 17.82 4.01
CA GLY B 210 -19.23 18.17 3.51
C GLY B 210 -18.32 16.98 3.58
N SER B 211 -17.27 17.01 2.79
CA SER B 211 -16.30 15.92 2.76
C SER B 211 -15.33 16.01 3.97
N LEU B 212 -14.64 14.91 4.23
CA LEU B 212 -13.61 14.86 5.24
C LEU B 212 -12.33 14.38 4.58
N THR B 213 -11.29 15.21 4.66
CA THR B 213 -9.95 14.89 4.14
C THR B 213 -9.00 14.44 5.26
N VAL B 214 -8.66 13.16 5.21
CA VAL B 214 -7.95 12.50 6.31
C VAL B 214 -6.52 12.21 5.88
N ASP B 215 -5.58 12.93 6.48
CA ASP B 215 -4.15 12.66 6.34
C ASP B 215 -3.82 11.41 7.18
N CYS B 216 -3.31 10.37 6.51
CA CYS B 216 -3.05 9.06 7.15
C CYS B 216 -1.59 8.78 7.44
N ALA B 217 -0.78 9.84 7.37
CA ALA B 217 0.60 9.87 7.86
C ALA B 217 1.49 8.89 7.14
N ASN B 218 1.01 8.38 6.00
CA ASN B 218 1.69 7.28 5.26
C ASN B 218 1.85 6.03 6.13
N GLY B 219 0.96 5.88 7.12
CA GLY B 219 1.00 4.77 8.06
C GLY B 219 -0.15 3.81 7.95
N VAL B 220 -0.15 2.84 8.87
CA VAL B 220 -1.05 1.66 8.79
C VAL B 220 -2.52 2.05 8.78
N GLY B 221 -2.86 3.20 9.39
CA GLY B 221 -4.22 3.71 9.42
C GLY B 221 -4.83 4.01 8.05
N GLY B 222 -4.02 4.34 7.06
CA GLY B 222 -4.55 4.55 5.69
C GLY B 222 -5.30 3.34 5.13
N PRO B 223 -4.57 2.22 4.90
CA PRO B 223 -5.17 0.97 4.39
C PRO B 223 -6.33 0.46 5.25
N LYS B 224 -6.23 0.61 6.57
CA LYS B 224 -7.27 0.17 7.50
C LYS B 224 -8.51 1.07 7.51
N LEU B 225 -8.31 2.37 7.34
CA LEU B 225 -9.43 3.30 7.14
C LEU B 225 -10.14 2.95 5.84
N ARG B 226 -9.36 2.76 4.76
CA ARG B 226 -9.96 2.39 3.47
C ARG B 226 -10.82 1.15 3.59
N GLU B 227 -10.30 0.15 4.31
CA GLU B 227 -11.01 -1.09 4.54
C GLU B 227 -12.30 -0.87 5.35
N LEU B 228 -12.22 -0.13 6.44
CA LEU B 228 -13.43 0.24 7.19
C LEU B 228 -14.54 0.87 6.34
N ILE B 229 -14.18 1.84 5.50
CA ILE B 229 -15.11 2.53 4.57
C ILE B 229 -15.97 1.55 3.74
N LYS B 230 -15.37 0.45 3.28
CA LYS B 230 -16.09 -0.64 2.61
C LYS B 230 -17.27 -1.19 3.40
N TYR B 231 -17.14 -1.22 4.74
CA TYR B 231 -18.16 -1.82 5.64
C TYR B 231 -19.19 -0.80 6.07
N LEU B 232 -18.88 0.48 5.82
CA LEU B 232 -19.69 1.59 6.32
C LEU B 232 -21.02 1.70 5.56
N PRO B 233 -22.12 2.03 6.28
CA PRO B 233 -23.45 2.14 5.66
C PRO B 233 -23.56 3.29 4.68
N GLU B 234 -24.47 3.14 3.72
CA GLU B 234 -24.83 4.23 2.82
C GLU B 234 -25.71 5.26 3.53
N ASP B 235 -25.84 6.43 2.91
CA ASP B 235 -26.77 7.50 3.33
C ASP B 235 -26.44 8.15 4.65
N THR B 236 -25.19 8.03 5.09
CA THR B 236 -24.73 8.77 6.27
C THR B 236 -24.24 10.14 5.85
N GLY B 237 -23.89 10.27 4.56
CA GLY B 237 -23.32 11.50 4.00
C GLY B 237 -21.82 11.57 4.15
N LEU B 238 -21.25 10.64 4.93
CA LEU B 238 -19.83 10.65 5.25
C LEU B 238 -18.99 10.37 4.03
N ASP B 239 -18.22 11.37 3.65
CA ASP B 239 -17.48 11.34 2.41
C ASP B 239 -15.99 11.53 2.71
N ILE B 240 -15.25 10.42 2.77
CA ILE B 240 -13.88 10.44 3.24
C ILE B 240 -12.88 10.38 2.10
N LYS B 241 -12.00 11.38 2.10
CA LYS B 241 -10.86 11.44 1.18
C LYS B 241 -9.56 11.13 1.94
N ILE B 242 -9.00 9.96 1.65
CA ILE B 242 -7.73 9.54 2.20
C ILE B 242 -6.57 10.17 1.44
N VAL B 243 -5.68 10.85 2.18
CA VAL B 243 -4.41 11.32 1.64
C VAL B 243 -3.28 10.82 2.51
N ASN B 244 -2.12 10.61 1.89
CA ASN B 244 -0.88 10.21 2.53
C ASN B 244 -0.98 8.74 2.99
N ASP B 245 -0.90 7.85 2.00
CA ASP B 245 -0.99 6.41 2.23
C ASP B 245 0.14 5.65 1.57
N ASP B 246 1.27 6.33 1.40
CA ASP B 246 2.45 5.75 0.81
C ASP B 246 3.08 4.80 1.84
N VAL B 247 2.38 3.69 2.05
CA VAL B 247 2.68 2.73 3.08
C VAL B 247 3.90 1.83 2.77
N ILE B 248 4.10 1.52 1.49
CA ILE B 248 5.25 0.69 1.02
C ILE B 248 6.63 1.28 1.27
N ASN B 249 6.70 2.61 1.28
CA ASN B 249 7.93 3.34 1.52
C ASN B 249 8.09 3.70 2.99
N PRO B 250 8.93 2.94 3.73
CA PRO B 250 9.20 3.19 5.15
C PRO B 250 9.55 4.65 5.44
N ASP B 251 10.28 5.29 4.53
CA ASP B 251 10.73 6.68 4.67
C ASP B 251 9.61 7.72 4.74
N SER B 252 8.45 7.36 4.19
CA SER B 252 7.31 8.27 4.09
C SER B 252 6.55 8.49 5.39
N LEU B 253 6.68 7.54 6.32
CA LEU B 253 5.93 7.54 7.57
C LEU B 253 6.15 8.84 8.35
N ASN B 254 5.07 9.56 8.59
CA ASN B 254 5.08 10.89 9.22
C ASN B 254 5.97 11.95 8.54
N PHE B 255 6.26 11.78 7.25
CA PHE B 255 7.08 12.77 6.52
C PHE B 255 6.24 13.98 6.11
N GLU B 256 6.37 15.06 6.88
CA GLU B 256 5.63 16.34 6.68
C GLU B 256 4.10 16.14 6.62
N CYS B 257 3.63 15.19 7.44
CA CYS B 257 2.22 14.89 7.66
C CYS B 257 2.09 14.02 8.92
N GLY B 258 0.86 13.74 9.34
CA GLY B 258 0.58 13.03 10.56
C GLY B 258 0.04 13.96 11.64
N ALA B 259 -0.71 13.41 12.59
CA ALA B 259 -1.16 14.13 13.79
C ALA B 259 -0.05 14.92 14.52
N ASP B 260 1.12 14.32 14.72
CA ASP B 260 2.20 14.97 15.51
C ASP B 260 2.74 16.20 14.81
N TYR B 261 3.03 16.05 13.51
CA TYR B 261 3.48 17.15 12.67
C TYR B 261 2.53 18.31 12.77
N VAL B 262 1.25 18.04 12.52
CA VAL B 262 0.21 19.06 12.42
C VAL B 262 -0.02 19.70 13.79
N LYS B 263 0.01 18.91 14.85
CA LYS B 263 -0.19 19.42 16.21
C LYS B 263 0.96 20.30 16.69
N THR B 264 2.19 19.80 16.57
CA THR B 264 3.35 20.47 17.14
C THR B 264 3.72 21.72 16.31
N LYS B 265 3.72 21.58 14.98
CA LYS B 265 4.13 22.68 14.11
C LYS B 265 3.05 23.72 13.90
N GLN B 266 1.81 23.32 14.18
CA GLN B 266 0.61 24.18 14.05
C GLN B 266 0.39 24.70 12.63
N ARG B 267 0.65 23.79 11.68
CA ARG B 267 0.48 23.98 10.23
C ARG B 267 -0.23 22.75 9.71
N ALA B 268 -0.96 22.92 8.60
CA ALA B 268 -1.45 21.80 7.80
C ALA B 268 -0.23 21.13 7.11
N PRO B 269 -0.34 19.85 6.67
CA PRO B 269 0.82 19.28 5.96
C PRO B 269 1.18 20.09 4.70
N PRO B 270 2.50 20.27 4.42
CA PRO B 270 2.91 21.05 3.24
C PRO B 270 2.24 20.57 1.95
N SER B 271 2.08 19.26 1.79
CA SER B 271 1.46 18.68 0.60
C SER B 271 -0.07 18.79 0.50
N SER B 272 -0.72 19.31 1.53
CA SER B 272 -2.18 19.38 1.57
C SER B 272 -2.79 20.06 0.34
N LYS B 273 -3.66 19.33 -0.34
CA LYS B 273 -4.40 19.84 -1.50
C LYS B 273 -5.79 20.34 -1.09
N ALA B 274 -5.99 20.56 0.20
CA ALA B 274 -7.31 20.94 0.73
C ALA B 274 -7.68 22.38 0.36
N SER B 275 -8.97 22.61 0.11
CA SER B 275 -9.50 23.98 -0.14
C SER B 275 -9.89 24.66 1.17
N ILE B 276 -10.10 25.98 1.11
CA ILE B 276 -10.67 26.75 2.22
C ILE B 276 -12.01 26.11 2.59
N LEU B 277 -12.23 26.02 3.90
CA LEU B 277 -13.42 25.41 4.51
C LEU B 277 -13.57 23.88 4.42
N ASP B 278 -12.67 23.19 3.72
CA ASP B 278 -12.59 21.72 3.78
C ASP B 278 -12.29 21.27 5.23
N ARG B 279 -13.21 20.48 5.79
CA ARG B 279 -12.97 19.79 7.05
C ARG B 279 -11.88 18.70 6.88
N CYS B 280 -10.80 18.85 7.66
CA CYS B 280 -9.65 17.94 7.59
C CYS B 280 -9.33 17.32 8.93
N ALA B 281 -8.51 16.27 8.89
CA ALA B 281 -8.03 15.60 10.08
C ALA B 281 -6.74 14.89 9.74
N SER B 282 -5.92 14.68 10.77
CA SER B 282 -4.67 13.95 10.62
C SER B 282 -4.64 12.88 11.69
N LEU B 283 -4.28 11.68 11.25
CA LEU B 283 -4.03 10.58 12.16
C LEU B 283 -2.54 10.51 12.36
N ASP B 284 -2.09 9.79 13.37
CA ASP B 284 -0.69 9.41 13.43
C ASP B 284 -0.48 8.05 12.79
N GLY B 285 0.76 7.57 12.80
CA GLY B 285 1.14 6.39 12.03
C GLY B 285 0.42 5.10 12.38
N ASP B 286 -0.02 4.97 13.62
CA ASP B 286 -0.73 3.73 14.00
CA ASP B 286 -0.67 3.77 14.16
C ASP B 286 -2.13 3.99 14.50
N ALA B 287 -2.67 5.15 14.13
CA ALA B 287 -4.04 5.53 14.43
C ALA B 287 -4.41 5.57 15.93
N ASP B 288 -3.47 6.03 16.75
CA ASP B 288 -3.67 6.32 18.17
C ASP B 288 -4.19 7.71 18.40
N ARG B 289 -3.86 8.61 17.47
CA ARG B 289 -4.23 10.02 17.65
C ARG B 289 -4.83 10.67 16.43
N ILE B 290 -5.72 11.60 16.69
CA ILE B 290 -6.40 12.34 15.67
C ILE B 290 -6.58 13.81 16.06
N LEU B 291 -6.39 14.68 15.07
CA LEU B 291 -6.86 16.06 15.18
C LEU B 291 -7.51 16.60 13.96
N TYR B 292 -8.45 17.50 14.20
CA TYR B 292 -9.18 18.17 13.16
C TYR B 292 -8.56 19.53 12.92
N TYR B 293 -8.77 20.05 11.72
CA TYR B 293 -8.29 21.35 11.31
C TYR B 293 -8.95 21.75 9.99
N PHE B 294 -9.03 23.07 9.78
CA PHE B 294 -9.49 23.64 8.52
C PHE B 294 -8.79 24.97 8.22
N LEU B 295 -8.83 25.36 6.96
CA LEU B 295 -8.51 26.72 6.53
C LEU B 295 -9.81 27.53 6.58
N ASP B 296 -9.80 28.62 7.33
CA ASP B 296 -11.03 29.38 7.58
C ASP B 296 -11.31 30.41 6.47
N GLU B 297 -12.44 31.12 6.61
CA GLU B 297 -12.91 32.13 5.66
C GLU B 297 -11.77 32.87 4.94
N GLY B 298 -10.82 33.45 5.69
CA GLY B 298 -9.67 34.15 5.11
C GLY B 298 -8.36 33.37 4.96
N ASN B 299 -8.45 32.07 4.70
CA ASN B 299 -7.28 31.18 4.52
C ASN B 299 -6.28 31.10 5.71
N VAL B 300 -6.80 31.21 6.94
CA VAL B 300 -5.98 30.99 8.16
C VAL B 300 -6.24 29.57 8.70
N PHE B 301 -5.16 28.82 8.88
CA PHE B 301 -5.17 27.45 9.43
C PHE B 301 -5.62 27.44 10.89
N ARG B 302 -6.74 26.77 11.12
CA ARG B 302 -7.37 26.70 12.42
C ARG B 302 -7.28 25.26 12.95
N LEU B 303 -6.65 25.08 14.12
CA LEU B 303 -6.44 23.74 14.71
C LEU B 303 -7.57 23.33 15.66
N LEU B 304 -8.01 22.07 15.52
CA LEU B 304 -9.02 21.50 16.42
C LEU B 304 -8.43 20.24 17.05
N ASP B 305 -7.71 20.44 18.15
CA ASP B 305 -6.87 19.39 18.73
C ASP B 305 -7.64 18.47 19.69
N GLY B 306 -6.91 17.52 20.31
CA GLY B 306 -7.51 16.59 21.27
C GLY B 306 -8.42 17.27 22.29
N ASP B 307 -7.99 18.43 22.79
CA ASP B 307 -8.79 19.17 23.77
C ASP B 307 -10.09 19.76 23.22
N ARG B 308 -10.05 20.11 21.95
CA ARG B 308 -11.23 20.55 21.28
C ARG B 308 -12.19 19.40 21.02
N ILE B 309 -11.65 18.22 20.71
CA ILE B 309 -12.45 17.01 20.52
C ILE B 309 -13.14 16.61 21.83
N ALA B 310 -12.41 16.76 22.93
CA ALA B 310 -12.90 16.38 24.28
C ALA B 310 -14.13 17.17 24.63
N THR B 311 -14.09 18.47 24.33
CA THR B 311 -15.20 19.36 24.68
C THR B 311 -16.40 19.17 23.74
N LEU B 312 -16.11 18.86 22.47
CA LEU B 312 -17.14 18.44 21.51
C LEU B 312 -17.91 17.19 21.99
N ALA B 313 -17.15 16.13 22.32
CA ALA B 313 -17.72 14.88 22.82
C ALA B 313 -18.48 15.07 24.11
N ALA B 314 -17.91 15.83 25.07
CA ALA B 314 -18.57 16.10 26.36
C ALA B 314 -19.90 16.83 26.22
N SER B 315 -19.94 17.80 25.31
CA SER B 315 -21.16 18.52 24.96
C SER B 315 -22.26 17.56 24.51
N PHE B 316 -21.90 16.67 23.59
CA PHE B 316 -22.82 15.73 22.98
C PHE B 316 -23.36 14.75 24.00
N ILE B 317 -22.45 14.09 24.73
CA ILE B 317 -22.79 13.09 25.74
C ILE B 317 -23.63 13.75 26.83
N GLY B 318 -23.25 14.97 27.20
CA GLY B 318 -23.98 15.78 28.15
C GLY B 318 -25.41 15.99 27.69
N ASP B 319 -25.58 16.55 26.50
CA ASP B 319 -26.93 16.75 25.94
C ASP B 319 -27.74 15.44 25.86
N LEU B 320 -27.10 14.36 25.42
CA LEU B 320 -27.74 13.06 25.30
C LEU B 320 -28.29 12.51 26.62
N ALA B 321 -27.48 12.56 27.69
CA ALA B 321 -27.89 12.08 29.01
C ALA B 321 -29.04 12.92 29.55
N ARG B 322 -29.03 14.23 29.27
CA ARG B 322 -30.17 15.11 29.57
C ARG B 322 -31.44 14.65 28.84
N SER B 323 -31.32 14.31 27.56
CA SER B 323 -32.48 13.95 26.74
C SER B 323 -33.07 12.59 27.11
N ALA B 324 -32.20 11.61 27.37
CA ALA B 324 -32.58 10.39 28.06
C ALA B 324 -32.94 10.76 29.50
N GLY B 325 -33.56 9.88 30.27
CA GLY B 325 -33.90 10.27 31.65
C GLY B 325 -32.75 10.19 32.63
N ILE B 326 -31.52 10.21 32.12
CA ILE B 326 -30.39 9.53 32.76
C ILE B 326 -29.28 10.43 33.35
N ALA B 327 -29.37 11.74 33.12
CA ALA B 327 -28.31 12.67 33.51
C ALA B 327 -28.02 12.64 35.02
N GLN B 328 -29.09 12.64 35.82
CA GLN B 328 -28.99 12.58 37.28
C GLN B 328 -28.46 11.23 37.80
N LYS B 329 -28.78 10.15 37.08
CA LYS B 329 -28.28 8.83 37.47
C LYS B 329 -26.78 8.59 37.16
N LEU B 330 -26.19 9.43 36.29
CA LEU B 330 -24.82 9.20 35.78
C LEU B 330 -23.80 10.27 36.13
N LYS B 331 -22.64 9.83 36.60
CA LYS B 331 -21.51 10.73 36.85
C LYS B 331 -20.68 10.88 35.57
N ILE B 332 -20.83 12.03 34.94
CA ILE B 332 -20.13 12.36 33.70
C ILE B 332 -19.09 13.43 34.01
N GLY B 333 -17.85 13.19 33.59
CA GLY B 333 -16.79 14.20 33.67
C GLY B 333 -15.75 14.21 32.56
N VAL B 334 -15.03 15.32 32.49
CA VAL B 334 -13.91 15.44 31.56
C VAL B 334 -12.61 15.41 32.34
N VAL B 335 -11.68 14.61 31.86
CA VAL B 335 -10.34 14.50 32.43
C VAL B 335 -9.37 15.23 31.50
N GLN B 336 -8.73 16.27 32.04
CA GLN B 336 -7.73 17.09 31.33
C GLN B 336 -6.30 16.91 31.90
N THR B 337 -5.33 17.51 31.21
CA THR B 337 -4.00 17.77 31.79
C THR B 337 -3.90 19.28 31.95
N ALA B 338 -2.78 19.74 32.51
CA ALA B 338 -2.62 21.18 32.76
C ALA B 338 -2.42 21.99 31.48
N TYR B 339 -2.11 21.29 30.40
CA TYR B 339 -1.99 21.89 29.06
C TYR B 339 -3.29 22.30 28.40
N ALA B 340 -4.42 21.84 28.94
CA ALA B 340 -5.71 22.25 28.44
C ALA B 340 -5.87 23.75 28.70
N ASN B 341 -6.37 24.45 27.69
CA ASN B 341 -6.57 25.88 27.76
C ASN B 341 -7.64 26.16 28.80
N GLY B 342 -7.39 27.19 29.60
CA GLY B 342 -8.35 27.64 30.60
C GLY B 342 -9.77 27.82 30.11
N SER B 343 -9.92 28.32 28.87
CA SER B 343 -11.23 28.45 28.21
C SER B 343 -11.95 27.12 27.99
N SER B 344 -11.19 26.04 27.73
CA SER B 344 -11.78 24.70 27.59
C SER B 344 -12.34 24.24 28.93
N THR B 345 -11.51 24.36 29.98
CA THR B 345 -11.91 24.10 31.37
C THR B 345 -13.13 24.94 31.82
N GLU B 346 -13.11 26.24 31.57
CA GLU B 346 -14.25 27.13 31.82
C GLU B 346 -15.53 26.68 31.09
N TYR B 347 -15.35 26.26 29.83
CA TYR B 347 -16.44 25.80 28.99
C TYR B 347 -17.07 24.57 29.62
N ILE B 348 -16.26 23.57 29.92
CA ILE B 348 -16.74 22.34 30.54
C ILE B 348 -17.56 22.67 31.79
N GLU B 349 -16.99 23.53 32.65
CA GLU B 349 -17.56 23.76 33.99
C GLU B 349 -18.70 24.76 34.03
N LYS B 350 -18.58 25.87 33.32
CA LYS B 350 -19.66 26.87 33.26
C LYS B 350 -20.73 26.59 32.20
N VAL B 351 -20.33 26.08 31.02
CA VAL B 351 -21.29 25.92 29.92
C VAL B 351 -21.98 24.57 29.92
N LEU B 352 -21.18 23.50 30.03
CA LEU B 352 -21.69 22.12 30.03
C LEU B 352 -22.05 21.67 31.43
N LYS B 353 -21.60 22.45 32.42
CA LYS B 353 -21.83 22.18 33.84
C LYS B 353 -21.43 20.75 34.25
N LEU B 354 -20.27 20.33 33.74
CA LEU B 354 -19.67 19.07 34.12
C LEU B 354 -18.41 19.30 34.94
N PRO B 355 -18.09 18.37 35.86
CA PRO B 355 -16.80 18.42 36.55
C PRO B 355 -15.60 18.16 35.62
N SER B 356 -14.52 18.88 35.91
CA SER B 356 -13.22 18.74 35.26
C SER B 356 -12.24 18.18 36.27
N VAL B 357 -11.43 17.23 35.85
CA VAL B 357 -10.35 16.70 36.70
C VAL B 357 -9.01 16.76 35.96
N CYS B 358 -8.02 17.38 36.61
CA CYS B 358 -6.65 17.47 36.08
C CYS B 358 -5.76 16.34 36.61
N THR B 359 -5.14 15.61 35.69
CA THR B 359 -4.20 14.56 36.03
C THR B 359 -2.83 14.89 35.46
N ASN B 360 -1.83 14.11 35.85
CA ASN B 360 -0.54 14.12 35.18
C ASN B 360 -0.74 13.89 33.69
N THR B 361 0.11 14.56 32.91
CA THR B 361 0.42 14.20 31.54
C THR B 361 0.71 12.68 31.42
N GLY B 362 0.33 12.07 30.30
CA GLY B 362 0.55 10.63 30.08
C GLY B 362 -0.74 9.86 30.19
N VAL B 363 -1.02 9.02 29.18
CA VAL B 363 -2.35 8.44 28.97
C VAL B 363 -2.89 7.59 30.14
N LYS B 364 -2.03 6.72 30.69
CA LYS B 364 -2.37 5.87 31.85
C LYS B 364 -3.10 6.66 32.95
N HIS B 365 -2.62 7.88 33.23
CA HIS B 365 -3.16 8.73 34.27
C HIS B 365 -4.50 9.35 33.91
N LEU B 366 -4.71 9.65 32.62
CA LEU B 366 -5.99 10.17 32.18
C LEU B 366 -7.05 9.05 32.17
N HIS B 367 -6.71 7.91 31.57
CA HIS B 367 -7.57 6.74 31.46
C HIS B 367 -8.06 6.32 32.84
N HIS B 368 -7.14 6.33 33.82
CA HIS B 368 -7.44 5.99 35.20
C HIS B 368 -8.36 6.98 35.89
N ALA B 369 -8.14 8.28 35.72
CA ALA B 369 -9.08 9.26 36.28
C ALA B 369 -10.48 9.26 35.63
N ALA B 370 -10.55 8.86 34.35
CA ALA B 370 -11.81 8.84 33.61
C ALA B 370 -12.70 7.71 34.08
N MET B 371 -12.07 6.60 34.49
CA MET B 371 -12.76 5.45 35.06
C MET B 371 -13.39 5.70 36.43
N ARG B 372 -13.05 6.81 37.08
CA ARG B 372 -13.72 7.21 38.33
C ARG B 372 -15.11 7.85 38.07
N PHE B 373 -15.43 8.12 36.80
CA PHE B 373 -16.75 8.65 36.42
C PHE B 373 -17.56 7.53 35.82
N ASP B 374 -18.87 7.69 35.71
CA ASP B 374 -19.66 6.76 34.86
C ASP B 374 -19.31 6.90 33.39
N VAL B 375 -19.31 8.13 32.91
CA VAL B 375 -18.91 8.43 31.55
C VAL B 375 -17.72 9.38 31.66
N GLY B 376 -16.55 8.88 31.27
CA GLY B 376 -15.30 9.62 31.39
C GLY B 376 -14.70 9.98 30.05
N VAL B 377 -14.73 11.28 29.73
CA VAL B 377 -14.17 11.83 28.51
C VAL B 377 -12.73 12.25 28.83
N TYR B 378 -11.78 11.68 28.10
CA TYR B 378 -10.40 12.09 28.26
C TYR B 378 -9.69 12.16 26.92
N PHE B 379 -9.07 13.30 26.68
CA PHE B 379 -8.14 13.52 25.55
C PHE B 379 -6.97 14.37 26.00
N GLU B 380 -5.82 14.08 25.39
CA GLU B 380 -4.74 15.04 25.44
C GLU B 380 -4.74 15.82 24.14
N ALA B 381 -4.19 17.03 24.21
CA ALA B 381 -4.03 17.90 23.06
C ALA B 381 -3.49 17.18 21.81
N ASN B 382 -2.57 16.22 22.00
CA ASN B 382 -1.98 15.47 20.88
C ASN B 382 -2.98 14.57 20.11
N GLY B 383 -4.22 14.52 20.59
CA GLY B 383 -5.27 13.78 19.92
C GLY B 383 -5.44 12.35 20.35
N HIS B 384 -4.73 11.93 21.40
CA HIS B 384 -5.00 10.63 21.97
C HIS B 384 -6.11 10.70 23.00
N GLY B 385 -7.17 9.92 22.81
CA GLY B 385 -8.21 9.79 23.83
C GLY B 385 -9.39 8.88 23.53
N THR B 386 -10.27 8.74 24.51
CA THR B 386 -11.53 8.00 24.36
C THR B 386 -12.59 8.47 25.36
N ILE B 387 -13.73 7.78 25.37
CA ILE B 387 -14.78 7.95 26.37
C ILE B 387 -14.94 6.59 27.03
N THR B 388 -14.88 6.58 28.36
CA THR B 388 -15.01 5.35 29.15
C THR B 388 -16.41 5.31 29.70
N PHE B 389 -17.02 4.12 29.61
CA PHE B 389 -18.34 3.84 30.17
C PHE B 389 -18.18 2.73 31.22
N SER B 390 -18.52 3.04 32.48
CA SER B 390 -18.53 2.05 33.58
C SER B 390 -19.67 1.02 33.42
N GLU B 391 -19.57 -0.09 34.16
CA GLU B 391 -20.62 -1.11 34.19
C GLU B 391 -21.97 -0.46 34.55
N ASN B 392 -21.96 0.36 35.60
CA ASN B 392 -23.11 1.18 35.98
C ASN B 392 -23.68 1.97 34.79
N ALA B 393 -22.83 2.74 34.09
CA ALA B 393 -23.23 3.49 32.90
C ALA B 393 -23.90 2.58 31.86
N LEU B 394 -23.28 1.45 31.54
CA LEU B 394 -23.79 0.50 30.56
C LEU B 394 -25.15 -0.12 30.94
N LYS B 395 -25.35 -0.37 32.23
CA LYS B 395 -26.63 -0.90 32.74
C LYS B 395 -27.72 0.13 32.59
N THR B 396 -27.46 1.36 33.06
CA THR B 396 -28.46 2.42 33.02
C THR B 396 -28.78 2.90 31.58
N ILE B 397 -27.80 2.81 30.69
CA ILE B 397 -28.00 3.15 29.27
C ILE B 397 -28.85 2.07 28.57
N LYS B 398 -28.54 0.79 28.83
CA LYS B 398 -29.22 -0.32 28.14
C LYS B 398 -30.59 -0.69 28.74
N ASN B 399 -30.80 -0.42 30.03
CA ASN B 399 -31.98 -0.92 30.77
C ASN B 399 -32.94 0.13 31.28
N THR B 400 -32.64 1.41 31.09
CA THR B 400 -33.59 2.45 31.50
C THR B 400 -34.86 2.46 30.61
N GLU B 401 -35.96 2.87 31.22
CA GLU B 401 -37.29 2.85 30.59
C GLU B 401 -37.60 4.20 29.95
N PRO B 402 -37.54 4.26 28.60
CA PRO B 402 -37.87 5.52 27.91
C PRO B 402 -39.34 5.89 28.09
N GLN B 403 -39.59 7.12 28.52
CA GLN B 403 -40.94 7.61 28.78
C GLN B 403 -41.35 8.67 27.73
N SER B 404 -40.66 8.64 26.58
CA SER B 404 -40.78 9.65 25.52
C SER B 404 -40.14 9.12 24.23
N PRO B 405 -40.62 9.58 23.04
CA PRO B 405 -39.93 9.20 21.79
C PRO B 405 -38.51 9.79 21.68
N ALA B 406 -38.35 11.04 22.14
CA ALA B 406 -37.05 11.73 22.24
C ALA B 406 -36.09 10.99 23.19
N GLN B 407 -36.61 10.60 24.36
CA GLN B 407 -35.88 9.78 25.35
C GLN B 407 -35.33 8.50 24.73
N GLN B 408 -36.16 7.80 23.95
CA GLN B 408 -35.75 6.55 23.31
C GLN B 408 -34.65 6.74 22.26
N ARG B 409 -34.76 7.74 21.40
CA ARG B 409 -33.74 8.01 20.37
C ARG B 409 -32.39 8.36 21.00
N SER B 410 -32.44 9.18 22.05
CA SER B 410 -31.27 9.57 22.86
C SER B 410 -30.54 8.41 23.49
N LEU B 411 -31.26 7.49 24.13
CA LEU B 411 -30.58 6.36 24.76
C LEU B 411 -30.14 5.27 23.79
N GLU B 412 -30.88 5.14 22.68
CA GLU B 412 -30.41 4.34 21.53
C GLU B 412 -29.10 4.91 20.94
N CYS B 413 -29.04 6.23 20.79
CA CYS B 413 -27.83 6.93 20.38
C CYS B 413 -26.67 6.63 21.35
N LEU B 414 -26.94 6.87 22.63
CA LEU B 414 -25.99 6.61 23.69
C LEU B 414 -25.51 5.16 23.65
N GLN B 415 -26.44 4.21 23.46
CA GLN B 415 -26.11 2.77 23.40
C GLN B 415 -25.15 2.44 22.27
N ALA B 416 -25.43 3.00 21.09
CA ALA B 416 -24.56 2.91 19.92
C ALA B 416 -23.17 3.51 20.15
N LEU B 417 -23.11 4.66 20.83
CA LEU B 417 -21.82 5.24 21.19
C LEU B 417 -20.93 4.28 22.00
N THR B 418 -21.52 3.48 22.91
CA THR B 418 -20.75 2.50 23.71
C THR B 418 -20.14 1.37 22.84
N ASP B 419 -20.71 1.16 21.66
CA ASP B 419 -20.16 0.21 20.71
C ASP B 419 -19.25 0.89 19.69
N LEU B 420 -19.46 2.19 19.44
CA LEU B 420 -18.64 2.98 18.50
C LEU B 420 -17.32 3.39 19.10
N ILE B 421 -17.33 3.70 20.39
CA ILE B 421 -16.14 4.26 21.05
C ILE B 421 -15.30 3.14 21.65
N ASN B 422 -14.07 2.99 21.13
CA ASN B 422 -13.13 1.98 21.61
C ASN B 422 -12.90 2.12 23.13
N GLN B 423 -13.22 1.06 23.86
CA GLN B 423 -13.14 1.05 25.34
C GLN B 423 -11.78 0.56 25.82
N ALA B 424 -11.11 -0.23 24.98
CA ALA B 424 -9.79 -0.77 25.31
C ALA B 424 -8.73 0.32 25.40
N VAL B 425 -8.66 1.20 24.39
CA VAL B 425 -7.61 2.21 24.26
C VAL B 425 -8.14 3.33 23.36
N GLY B 426 -7.54 4.52 23.46
CA GLY B 426 -7.82 5.62 22.55
C GLY B 426 -7.63 5.20 21.10
N ASP B 427 -8.63 5.52 20.25
CA ASP B 427 -8.66 5.02 18.88
C ASP B 427 -9.01 6.14 17.93
N ALA B 428 -8.04 6.48 17.08
CA ALA B 428 -8.20 7.63 16.19
C ALA B 428 -9.33 7.41 15.19
N ILE B 429 -9.39 6.19 14.63
CA ILE B 429 -10.44 5.88 13.64
C ILE B 429 -11.81 5.91 14.31
N SER B 430 -11.91 5.33 15.50
CA SER B 430 -13.11 5.40 16.32
C SER B 430 -13.49 6.84 16.65
N ASP B 431 -12.49 7.63 17.05
CA ASP B 431 -12.71 9.05 17.39
C ASP B 431 -13.13 9.91 16.17
N MET B 432 -12.68 9.54 14.99
CA MET B 432 -13.03 10.24 13.78
C MET B 432 -14.51 10.05 13.53
N LEU B 433 -15.00 8.85 13.69
CA LEU B 433 -16.39 8.55 13.50
C LEU B 433 -17.25 9.26 14.52
N LEU B 434 -16.75 9.35 15.74
CA LEU B 434 -17.41 10.04 16.82
C LEU B 434 -17.55 11.52 16.51
N VAL B 435 -16.50 12.15 16.04
CA VAL B 435 -16.53 13.56 15.70
C VAL B 435 -17.49 13.79 14.54
N GLU B 436 -17.43 12.98 13.51
CA GLU B 436 -18.36 13.08 12.38
C GLU B 436 -19.84 12.94 12.81
N ALA B 437 -20.12 12.02 13.72
CA ALA B 437 -21.47 11.85 14.27
C ALA B 437 -21.93 13.03 15.09
N ILE B 438 -21.04 13.60 15.90
CA ILE B 438 -21.40 14.76 16.72
C ILE B 438 -21.70 16.00 15.87
N LEU B 439 -20.81 16.31 14.93
CA LEU B 439 -21.02 17.42 14.02
C LEU B 439 -22.34 17.30 13.21
N ALA B 440 -22.65 16.06 12.79
CA ALA B 440 -23.86 15.77 12.02
C ALA B 440 -25.12 15.97 12.86
N HIS B 441 -25.09 15.52 14.11
CA HIS B 441 -26.21 15.70 15.05
C HIS B 441 -26.42 17.16 15.46
N LYS B 442 -25.31 17.86 15.63
CA LYS B 442 -25.33 19.28 15.99
C LYS B 442 -25.64 20.20 14.80
N GLY B 443 -25.41 19.69 13.59
CA GLY B 443 -25.51 20.50 12.38
C GLY B 443 -24.45 21.58 12.33
N TRP B 444 -23.28 21.28 12.90
CA TRP B 444 -22.16 22.25 12.99
C TRP B 444 -21.14 22.10 11.90
N THR B 445 -20.69 23.24 11.39
CA THR B 445 -19.45 23.35 10.58
C THR B 445 -18.26 23.35 11.55
N PRO B 446 -17.04 23.03 11.04
CA PRO B 446 -15.84 23.23 11.86
C PRO B 446 -15.78 24.63 12.49
N LYS B 447 -16.24 25.63 11.74
CA LYS B 447 -16.32 27.02 12.20
C LYS B 447 -17.18 27.15 13.44
N GLU B 448 -18.33 26.49 13.41
CA GLU B 448 -19.27 26.55 14.51
C GLU B 448 -18.75 25.75 15.69
N TRP B 449 -17.99 24.70 15.40
CA TRP B 449 -17.23 23.98 16.42
C TRP B 449 -16.14 24.90 17.02
N LEU B 450 -15.43 25.64 16.18
CA LEU B 450 -14.38 26.53 16.70
C LEU B 450 -14.97 27.67 17.55
N ALA B 451 -16.18 28.10 17.22
CA ALA B 451 -16.85 29.25 17.85
C ALA B 451 -17.52 28.94 19.19
N THR B 452 -17.58 27.66 19.53
CA THR B 452 -18.16 27.17 20.78
C THR B 452 -17.67 27.90 22.06
N TYR B 453 -16.37 28.21 22.07
CA TYR B 453 -15.66 29.01 23.08
C TYR B 453 -14.37 29.51 22.41
N THR B 454 -13.72 30.53 23.00
CA THR B 454 -12.51 31.14 22.44
C THR B 454 -11.34 30.86 23.37
N ASP B 455 -10.29 30.21 22.85
CA ASP B 455 -9.07 29.93 23.62
C ASP B 455 -8.55 31.25 24.18
N LEU B 456 -8.09 31.23 25.43
CA LEU B 456 -7.20 32.29 25.89
C LEU B 456 -5.93 32.16 25.07
N PRO B 457 -5.39 33.30 24.59
CA PRO B 457 -4.06 33.36 24.00
C PRO B 457 -3.07 32.63 24.88
N SER B 458 -2.26 31.75 24.27
CA SER B 458 -1.40 30.85 25.02
C SER B 458 -0.05 30.68 24.33
N ARG B 459 0.90 30.09 25.02
CA ARG B 459 2.26 29.96 24.52
C ARG B 459 2.93 28.81 25.22
N LEU B 460 3.59 27.96 24.44
CA LEU B 460 4.38 26.87 24.95
C LEU B 460 5.83 27.16 24.57
N VAL B 461 6.74 27.03 25.52
CA VAL B 461 8.15 27.29 25.22
C VAL B 461 9.05 26.15 25.70
N ARG B 462 10.08 25.87 24.90
CA ARG B 462 11.00 24.79 25.17
C ARG B 462 12.28 25.41 25.72
N VAL B 463 12.51 25.24 27.02
CA VAL B 463 13.58 25.95 27.74
C VAL B 463 14.69 24.97 28.06
N GLU B 464 15.88 25.23 27.52
CA GLU B 464 17.03 24.35 27.75
C GLU B 464 17.65 24.60 29.12
N VAL B 465 17.91 23.52 29.86
CA VAL B 465 18.66 23.56 31.14
C VAL B 465 19.69 22.41 31.21
N ALA B 466 20.38 22.34 32.32
CA ALA B 466 21.27 21.26 32.60
C ALA B 466 21.30 21.33 34.09
N GLU B 467 20.52 20.50 34.76
CA GLU B 467 19.73 19.48 34.12
C GLU B 467 18.30 19.60 34.53
N ARG B 468 17.45 18.86 33.86
CA ARG B 468 16.05 18.93 34.19
C ARG B 468 15.60 18.05 35.35
N SER B 469 16.52 17.31 35.95
CA SER B 469 16.20 16.44 37.08
C SER B 469 15.72 17.21 38.26
N ILE B 470 16.28 18.37 38.46
CA ILE B 470 15.95 19.24 39.62
C ILE B 470 14.52 19.81 39.58
N PHE B 471 13.90 19.79 38.40
CA PHE B 471 12.52 20.20 38.22
C PHE B 471 11.57 19.03 38.53
N LYS B 472 11.13 18.97 39.79
CA LYS B 472 10.18 17.96 40.27
C LYS B 472 8.83 18.62 40.58
N ALA B 473 7.79 18.06 39.95
CA ALA B 473 6.42 18.58 40.01
C ALA B 473 5.47 17.69 40.82
N TYR B 474 4.39 18.30 41.29
CA TYR B 474 3.30 17.60 41.99
C TYR B 474 2.02 18.38 41.66
N ASP B 475 0.87 17.89 42.16
CA ASP B 475 -0.44 18.52 41.89
C ASP B 475 -0.83 18.47 40.39
N ALA B 476 -0.80 17.26 39.82
CA ALA B 476 -0.99 17.04 38.38
C ALA B 476 0.02 17.89 37.58
N GLU B 477 1.25 17.94 38.11
CA GLU B 477 2.39 18.68 37.53
C GLU B 477 2.20 20.21 37.39
N ARG B 478 1.24 20.77 38.11
CA ARG B 478 0.96 22.20 38.10
C ARG B 478 1.80 23.01 39.10
N LYS B 479 2.60 22.29 39.89
CA LYS B 479 3.37 22.89 40.96
C LYS B 479 4.73 22.25 41.07
N LEU B 480 5.72 23.11 41.24
CA LEU B 480 7.10 22.68 41.39
C LEU B 480 7.50 22.63 42.85
N GLU B 481 7.95 21.44 43.28
CA GLU B 481 8.53 21.27 44.61
C GLU B 481 9.97 21.81 44.59
N SER B 482 10.74 21.42 43.58
CA SER B 482 12.08 21.93 43.33
C SER B 482 12.24 22.36 41.86
N PRO B 483 13.16 23.29 41.54
CA PRO B 483 14.06 23.95 42.49
C PRO B 483 13.34 24.93 43.42
N PRO B 484 13.76 24.99 44.72
CA PRO B 484 13.10 25.81 45.74
C PRO B 484 12.94 27.27 45.32
N GLY B 485 11.80 27.85 45.64
CA GLY B 485 11.51 29.26 45.30
C GLY B 485 10.92 29.52 43.91
N LEU B 486 11.06 28.59 42.98
CA LEU B 486 10.62 28.82 41.60
C LEU B 486 9.11 28.95 41.51
N GLN B 487 8.40 28.01 42.15
CA GLN B 487 6.93 27.99 42.14
C GLN B 487 6.37 29.32 42.62
N ALA B 488 6.97 29.82 43.71
CA ALA B 488 6.66 31.15 44.27
C ALA B 488 6.83 32.28 43.25
N LYS B 489 7.90 32.22 42.45
CA LYS B 489 8.10 33.22 41.41
C LYS B 489 7.02 33.08 40.34
N ILE B 490 6.78 31.84 39.91
CA ILE B 490 5.73 31.55 38.92
C ILE B 490 4.37 32.08 39.43
N ASP B 491 4.05 31.79 40.70
CA ASP B 491 2.79 32.23 41.35
C ASP B 491 2.63 33.73 41.32
N SER B 492 3.70 34.47 41.64
CA SER B 492 3.63 35.94 41.60
C SER B 492 3.61 36.48 40.17
N LEU B 493 4.31 35.79 39.26
CA LEU B 493 4.28 36.17 37.84
C LEU B 493 2.89 36.03 37.24
N GLN B 494 2.24 34.87 37.41
CA GLN B 494 0.90 34.65 36.79
C GLN B 494 -0.16 35.63 37.31
N SER B 495 -0.05 36.03 38.57
CA SER B 495 -0.94 37.03 39.23
C SER B 495 -1.03 38.40 38.57
N ARG B 496 0.03 38.85 37.90
CA ARG B 496 0.02 40.21 37.34
C ARG B 496 -0.62 40.36 35.95
N TYR B 497 -1.26 39.29 35.47
CA TYR B 497 -1.95 39.29 34.18
C TYR B 497 -3.36 38.81 34.34
N ASN B 498 -4.28 39.39 33.57
CA ASN B 498 -5.67 38.96 33.58
C ASN B 498 -5.71 37.50 33.15
N LYS B 499 -6.36 36.67 33.95
CA LYS B 499 -6.53 35.24 33.66
C LYS B 499 -5.18 34.56 33.43
N GLY B 500 -4.13 35.12 34.02
CA GLY B 500 -2.77 34.61 33.89
C GLY B 500 -2.56 33.28 34.56
N ARG B 501 -2.02 32.32 33.81
CA ARG B 501 -1.78 30.97 34.31
C ARG B 501 -0.57 30.43 33.58
N SER B 502 0.37 29.88 34.34
CA SER B 502 1.61 29.33 33.81
C SER B 502 2.16 28.27 34.73
N PHE B 503 2.88 27.32 34.17
CA PHE B 503 3.49 26.24 34.94
C PHE B 503 4.66 25.68 34.17
N ALA B 504 5.60 25.12 34.91
CA ALA B 504 6.80 24.54 34.33
C ALA B 504 6.93 23.11 34.79
N ARG B 505 7.31 22.24 33.86
CA ARG B 505 7.60 20.83 34.15
C ARG B 505 8.67 20.29 33.20
N ALA B 506 9.51 19.40 33.72
CA ALA B 506 10.52 18.72 32.93
C ALA B 506 9.80 17.84 31.93
N SER B 507 10.31 17.83 30.70
CA SER B 507 9.74 16.99 29.64
C SER B 507 10.21 15.54 29.85
N GLY B 508 9.29 14.60 29.62
CA GLY B 508 9.55 13.16 29.74
C GLY B 508 9.94 12.48 28.44
N THR B 509 10.00 13.24 27.34
CA THR B 509 10.37 12.70 26.02
C THR B 509 11.53 13.47 25.36
N GLU B 510 12.07 14.47 26.06
CA GLU B 510 12.99 15.46 25.48
C GLU B 510 13.74 16.22 26.59
N ASP B 511 15.01 16.53 26.34
CA ASP B 511 15.87 17.13 27.38
C ASP B 511 15.66 18.66 27.57
N ALA B 512 14.52 19.02 28.16
CA ALA B 512 14.18 20.43 28.45
C ALA B 512 13.02 20.50 29.46
N VAL B 513 12.84 21.68 30.05
CA VAL B 513 11.58 21.99 30.77
C VAL B 513 10.65 22.81 29.87
N ARG B 514 9.38 22.43 29.86
CA ARG B 514 8.38 23.11 29.06
C ARG B 514 7.71 24.18 29.92
N VAL B 515 7.42 25.33 29.32
CA VAL B 515 6.71 26.37 30.01
C VAL B 515 5.44 26.65 29.20
N TYR B 516 4.30 26.38 29.81
CA TYR B 516 3.04 26.77 29.21
C TYR B 516 2.64 28.07 29.87
N ALA B 517 1.99 28.96 29.13
CA ALA B 517 1.36 30.12 29.73
C ALA B 517 0.19 30.62 28.92
N GLU B 518 -0.80 31.16 29.61
CA GLU B 518 -1.98 31.76 29.00
C GLU B 518 -2.39 33.03 29.76
N ALA B 519 -3.16 33.89 29.11
CA ALA B 519 -3.68 35.12 29.71
C ALA B 519 -4.80 35.63 28.83
N ALA B 520 -5.47 36.69 29.26
CA ALA B 520 -6.62 37.25 28.51
C ALA B 520 -6.23 37.85 27.16
N SER B 521 -4.96 38.22 27.00
CA SER B 521 -4.50 38.80 25.73
C SER B 521 -3.17 38.22 25.27
N ARG B 522 -2.94 38.37 23.96
CA ARG B 522 -1.74 37.89 23.28
C ARG B 522 -0.45 38.30 23.99
N SER B 523 -0.23 39.61 24.06
CA SER B 523 0.99 40.19 24.63
C SER B 523 1.16 39.87 26.12
N GLU B 524 0.05 39.77 26.87
CA GLU B 524 0.07 39.31 28.26
C GLU B 524 0.53 37.85 28.35
N ALA B 525 0.02 37.00 27.47
CA ALA B 525 0.39 35.58 27.47
C ALA B 525 1.86 35.42 27.09
N ASP B 526 2.31 36.17 26.09
CA ASP B 526 3.71 36.11 25.62
C ASP B 526 4.65 36.63 26.68
N ASP B 527 4.28 37.74 27.32
CA ASP B 527 5.13 38.33 28.34
C ASP B 527 5.27 37.43 29.57
N LEU B 528 4.14 36.86 30.03
CA LEU B 528 4.13 35.92 31.16
C LEU B 528 4.96 34.67 30.88
N ALA B 529 4.81 34.12 29.68
CA ALA B 529 5.58 32.97 29.23
C ALA B 529 7.09 33.23 29.30
N THR B 530 7.49 34.41 28.80
CA THR B 530 8.88 34.85 28.73
C THR B 530 9.55 35.02 30.09
N ARG B 531 8.89 35.71 31.02
CA ARG B 531 9.39 35.89 32.41
C ARG B 531 9.55 34.59 33.20
N VAL B 532 8.58 33.67 33.04
CA VAL B 532 8.67 32.31 33.58
C VAL B 532 9.79 31.54 32.89
N ALA B 533 9.86 31.64 31.55
CA ALA B 533 10.94 31.00 30.78
C ALA B 533 12.31 31.50 31.25
N ASN B 534 12.44 32.83 31.41
CA ASN B 534 13.65 33.46 32.00
C ASN B 534 13.97 32.94 33.40
N ALA B 535 12.94 32.82 34.24
CA ALA B 535 13.11 32.35 35.63
C ALA B 535 13.50 30.88 35.70
N VAL B 536 12.98 30.06 34.78
CA VAL B 536 13.31 28.63 34.72
C VAL B 536 14.81 28.47 34.49
N ARG B 537 15.38 29.32 33.64
CA ARG B 537 16.82 29.39 33.37
C ARG B 537 17.66 29.81 34.59
N ASP B 538 17.68 28.99 35.64
CA ASP B 538 18.49 29.26 36.85
C ASP B 538 18.87 27.96 37.59
#